data_2OV6
#
_entry.id   2OV6
#
_entity_poly.entity_id   1
_entity_poly.type   'polypeptide(L)'
_entity_poly.pdbx_seq_one_letter_code
;MELAVIGKSEFVTGFRLAGISKVYETPDIPATESAVRSVLEDKSVGILVMHNDDIGNLPEVLRKNLNESVQPTVVALGGS
GSGSTSLREKIKQAVGVDLWK
;
_entity_poly.pdbx_strand_id   A
#
# COMPACT_ATOMS: atom_id res chain seq x y z
N MET A 1 2.44 18.32 12.85
CA MET A 1 2.00 17.11 12.17
C MET A 1 1.54 16.06 13.17
N GLU A 2 0.63 15.20 12.73
CA GLU A 2 0.10 14.14 13.59
C GLU A 2 0.74 12.80 13.25
N LEU A 3 0.50 11.80 14.10
CA LEU A 3 1.04 10.46 13.89
C LEU A 3 -0.06 9.48 13.54
N ALA A 4 -0.13 9.09 12.27
CA ALA A 4 -1.15 8.14 11.81
C ALA A 4 -0.51 6.81 11.43
N VAL A 5 -0.97 5.73 12.06
CA VAL A 5 -0.45 4.40 11.79
C VAL A 5 -1.58 3.41 11.56
N ILE A 6 -1.33 2.43 10.69
CA ILE A 6 -2.33 1.42 10.37
C ILE A 6 -1.73 0.01 10.43
N GLY A 7 -2.01 -0.70 11.52
CA GLY A 7 -1.48 -2.05 11.67
C GLY A 7 -2.46 -2.96 12.41
N LYS A 8 -2.00 -3.54 13.51
CA LYS A 8 -2.83 -4.44 14.29
C LYS A 8 -3.32 -3.76 15.56
N SER A 9 -4.05 -4.50 16.39
CA SER A 9 -4.59 -3.97 17.63
C SER A 9 -3.48 -3.78 18.66
N GLU A 10 -2.72 -4.84 18.90
CA GLU A 10 -1.63 -4.80 19.87
C GLU A 10 -0.70 -3.63 19.58
N PHE A 11 -0.70 -3.17 18.33
CA PHE A 11 0.15 -2.06 17.92
C PHE A 11 -0.34 -0.75 18.53
N VAL A 12 -1.66 -0.54 18.48
CA VAL A 12 -2.25 0.68 19.02
C VAL A 12 -2.19 0.69 20.55
N THR A 13 -2.22 -0.50 21.14
CA THR A 13 -2.17 -0.63 22.59
C THR A 13 -0.84 -0.13 23.14
N GLY A 14 0.22 -0.31 22.35
CA GLY A 14 1.53 0.13 22.78
C GLY A 14 1.68 1.64 22.75
N PHE A 15 1.25 2.24 21.64
CA PHE A 15 1.35 3.70 21.49
C PHE A 15 0.29 4.40 22.33
N ARG A 16 -0.90 3.80 22.42
CA ARG A 16 -1.99 4.36 23.21
C ARG A 16 -1.52 4.72 24.61
N LEU A 17 -0.54 3.99 25.11
CA LEU A 17 0.00 4.22 26.44
C LEU A 17 0.55 5.64 26.56
N ALA A 18 1.34 6.05 25.57
CA ALA A 18 1.94 7.38 25.56
C ALA A 18 0.98 8.40 24.96
N GLY A 19 0.01 7.91 24.20
CA GLY A 19 -0.96 8.79 23.57
C GLY A 19 -0.33 9.70 22.53
N ILE A 20 0.91 9.41 22.17
CA ILE A 20 1.63 10.19 21.18
C ILE A 20 1.82 9.41 19.89
N SER A 21 0.75 8.76 19.44
CA SER A 21 0.80 7.97 18.21
C SER A 21 -0.54 7.29 17.95
N LYS A 22 -1.25 7.77 16.94
CA LYS A 22 -2.56 7.22 16.59
C LYS A 22 -2.39 6.03 15.63
N VAL A 23 -2.64 4.83 16.13
CA VAL A 23 -2.53 3.63 15.33
C VAL A 23 -3.87 2.92 15.20
N TYR A 24 -4.10 2.31 14.04
CA TYR A 24 -5.36 1.60 13.79
C TYR A 24 -5.13 0.09 13.78
N GLU A 25 -6.22 -0.65 13.64
CA GLU A 25 -6.14 -2.11 13.60
C GLU A 25 -6.97 -2.67 12.46
N THR A 26 -6.28 -3.19 11.43
CA THR A 26 -6.95 -3.76 10.27
C THR A 26 -6.59 -5.22 10.10
N PRO A 27 -7.31 -6.10 10.82
CA PRO A 27 -7.08 -7.54 10.76
C PRO A 27 -7.53 -8.15 9.44
N ASP A 28 -8.65 -7.67 8.92
CA ASP A 28 -9.18 -8.16 7.65
C ASP A 28 -8.75 -7.26 6.49
N ILE A 29 -8.58 -7.84 5.32
CA ILE A 29 -8.17 -7.08 4.14
C ILE A 29 -9.27 -6.10 3.72
N PRO A 30 -10.53 -6.57 3.75
CA PRO A 30 -11.68 -5.74 3.38
C PRO A 30 -11.95 -4.64 4.40
N ALA A 31 -11.77 -4.96 5.67
CA ALA A 31 -12.00 -4.00 6.74
C ALA A 31 -11.02 -2.83 6.65
N THR A 32 -9.88 -3.07 6.03
CA THR A 32 -8.86 -2.05 5.87
C THR A 32 -9.44 -0.78 5.27
N GLU A 33 -10.39 -0.94 4.35
CA GLU A 33 -11.03 0.19 3.70
C GLU A 33 -11.63 1.14 4.73
N SER A 34 -12.07 0.58 5.86
CA SER A 34 -12.68 1.38 6.92
C SER A 34 -11.70 2.43 7.43
N ALA A 35 -10.50 1.99 7.77
CA ALA A 35 -9.46 2.89 8.27
C ALA A 35 -9.00 3.85 7.18
N VAL A 36 -9.03 3.39 5.94
CA VAL A 36 -8.61 4.20 4.81
C VAL A 36 -9.53 5.42 4.64
N ARG A 37 -10.78 5.27 5.06
CA ARG A 37 -11.75 6.35 4.95
C ARG A 37 -11.36 7.52 5.85
N SER A 38 -10.77 7.21 6.99
CA SER A 38 -10.36 8.24 7.95
C SER A 38 -8.95 8.73 7.64
N VAL A 39 -8.23 7.97 6.81
CA VAL A 39 -6.86 8.33 6.44
C VAL A 39 -6.86 9.25 5.22
N LEU A 40 -7.87 9.11 4.37
CA LEU A 40 -7.99 9.94 3.18
C LEU A 40 -7.95 11.42 3.52
N GLU A 41 -8.32 11.74 4.76
CA GLU A 41 -8.32 13.12 5.21
C GLU A 41 -7.19 13.37 6.21
N ASP A 42 -6.81 12.33 6.94
CA ASP A 42 -5.75 12.43 7.93
C ASP A 42 -4.40 12.12 7.29
N LYS A 43 -4.37 12.05 5.97
CA LYS A 43 -3.14 11.75 5.24
C LYS A 43 -2.32 13.03 5.05
N SER A 44 -3.00 14.15 4.90
CA SER A 44 -2.34 15.43 4.71
C SER A 44 -2.28 16.22 6.02
N VAL A 45 -2.30 15.50 7.14
CA VAL A 45 -2.25 16.13 8.45
C VAL A 45 -0.87 15.97 9.08
N GLY A 46 -0.18 14.88 8.71
CA GLY A 46 1.15 14.63 9.25
C GLY A 46 1.84 13.47 8.56
N ILE A 47 2.41 12.57 9.34
CA ILE A 47 3.12 11.42 8.79
C ILE A 47 2.29 10.15 8.96
N LEU A 48 2.15 9.40 7.86
CA LEU A 48 1.39 8.16 7.89
C LEU A 48 2.31 6.94 7.85
N VAL A 49 1.86 5.85 8.43
CA VAL A 49 2.65 4.61 8.45
C VAL A 49 1.76 3.38 8.54
N MET A 50 1.82 2.54 7.51
CA MET A 50 1.01 1.33 7.48
C MET A 50 1.89 0.09 7.45
N HIS A 51 1.28 -1.08 7.58
CA HIS A 51 2.01 -2.35 7.58
C HIS A 51 1.67 -3.16 6.33
N ASN A 52 2.68 -3.42 5.50
CA ASN A 52 2.49 -4.19 4.28
C ASN A 52 1.94 -5.57 4.58
N ASP A 53 1.99 -5.96 5.86
CA ASP A 53 1.50 -7.27 6.29
C ASP A 53 0.00 -7.38 6.03
N ASP A 54 -0.63 -6.26 5.68
CA ASP A 54 -2.06 -6.24 5.41
C ASP A 54 -2.36 -5.55 4.09
N ILE A 55 -1.51 -4.57 3.73
CA ILE A 55 -1.69 -3.84 2.49
C ILE A 55 -1.32 -4.69 1.29
N GLY A 56 -0.25 -5.47 1.42
CA GLY A 56 0.18 -6.32 0.32
C GLY A 56 -0.96 -7.16 -0.25
N ASN A 57 -1.95 -7.44 0.58
CA ASN A 57 -3.10 -8.24 0.16
C ASN A 57 -3.75 -7.63 -1.09
N LEU A 58 -3.60 -6.33 -1.24
CA LEU A 58 -4.17 -5.62 -2.38
C LEU A 58 -3.07 -5.01 -3.24
N PRO A 59 -2.40 -5.85 -4.04
CA PRO A 59 -1.31 -5.41 -4.92
C PRO A 59 -1.83 -4.57 -6.10
N GLU A 60 -2.35 -5.26 -7.12
CA GLU A 60 -2.88 -4.58 -8.29
C GLU A 60 -4.12 -3.75 -7.94
N VAL A 61 -4.61 -3.94 -6.72
CA VAL A 61 -5.79 -3.22 -6.26
C VAL A 61 -5.40 -1.95 -5.51
N LEU A 62 -4.58 -2.10 -4.48
CA LEU A 62 -4.13 -0.97 -3.67
C LEU A 62 -2.73 -0.52 -4.10
N ARG A 63 -1.75 -1.38 -3.88
CA ARG A 63 -0.37 -1.08 -4.25
C ARG A 63 -0.30 -0.43 -5.63
N LYS A 64 -1.21 -0.83 -6.52
CA LYS A 64 -1.26 -0.29 -7.86
C LYS A 64 -1.85 1.13 -7.87
N ASN A 65 -2.96 1.30 -7.17
CA ASN A 65 -3.63 2.59 -7.08
C ASN A 65 -2.73 3.61 -6.36
N LEU A 66 -2.28 3.23 -5.17
CA LEU A 66 -1.42 4.12 -4.38
C LEU A 66 -0.11 4.39 -5.10
N ASN A 67 0.31 3.44 -5.94
CA ASN A 67 1.55 3.59 -6.70
C ASN A 67 1.63 4.96 -7.35
N GLU A 68 0.49 5.48 -7.78
CA GLU A 68 0.44 6.79 -8.42
C GLU A 68 -0.25 7.81 -7.53
N SER A 69 -1.06 7.32 -6.59
CA SER A 69 -1.78 8.19 -5.67
C SER A 69 -1.01 8.34 -4.35
N VAL A 70 0.29 8.05 -4.39
CA VAL A 70 1.13 8.16 -3.21
C VAL A 70 1.48 9.61 -2.92
N GLN A 71 0.47 10.44 -2.72
CA GLN A 71 0.67 11.84 -2.43
C GLN A 71 1.28 12.04 -1.04
N PRO A 72 0.55 11.57 -0.02
CA PRO A 72 0.99 11.67 1.38
C PRO A 72 2.19 10.78 1.68
N THR A 73 2.53 10.66 2.96
CA THR A 73 3.65 9.83 3.38
C THR A 73 3.16 8.51 3.97
N VAL A 74 2.88 7.54 3.11
CA VAL A 74 2.42 6.23 3.54
C VAL A 74 3.58 5.30 3.84
N VAL A 75 4.13 5.40 5.04
CA VAL A 75 5.26 4.56 5.45
C VAL A 75 4.82 3.12 5.64
N ALA A 76 4.99 2.30 4.60
CA ALA A 76 4.62 0.89 4.68
C ALA A 76 5.75 0.05 5.25
N LEU A 77 5.41 -0.80 6.22
CA LEU A 77 6.40 -1.66 6.86
C LEU A 77 6.37 -3.07 6.26
N GLY A 78 7.54 -3.59 5.92
CA GLY A 78 7.61 -4.92 5.35
C GLY A 78 7.68 -4.90 3.84
N GLY A 79 7.05 -5.89 3.20
CA GLY A 79 7.06 -5.96 1.75
C GLY A 79 8.36 -6.52 1.21
N SER A 80 9.41 -5.70 1.25
CA SER A 80 10.72 -6.11 0.75
C SER A 80 11.64 -6.52 1.90
N GLY A 81 12.07 -5.53 2.68
CA GLY A 81 12.95 -5.80 3.80
C GLY A 81 14.34 -6.17 3.36
N SER A 82 14.58 -7.48 3.22
CA SER A 82 15.89 -7.98 2.80
C SER A 82 15.76 -9.29 2.04
N GLY A 83 15.88 -9.22 0.72
CA GLY A 83 15.77 -10.41 -0.10
C GLY A 83 16.76 -10.41 -1.25
N SER A 84 16.42 -11.12 -2.33
CA SER A 84 17.28 -11.21 -3.49
C SER A 84 16.48 -11.03 -4.78
N THR A 85 17.14 -11.28 -5.91
CA THR A 85 16.49 -11.15 -7.20
C THR A 85 16.85 -12.31 -8.12
N SER A 86 16.84 -12.06 -9.43
CA SER A 86 17.16 -13.09 -10.40
C SER A 86 17.66 -12.47 -11.71
N LEU A 87 17.86 -13.31 -12.71
CA LEU A 87 18.34 -12.85 -14.02
C LEU A 87 17.90 -13.79 -15.13
N ARG A 88 18.31 -13.50 -16.35
CA ARG A 88 17.96 -14.32 -17.50
C ARG A 88 18.94 -14.10 -18.64
N GLU A 89 18.62 -14.64 -19.81
CA GLU A 89 19.47 -14.51 -20.99
C GLU A 89 18.76 -15.00 -22.24
N LYS A 90 19.39 -14.81 -23.40
CA LYS A 90 18.83 -15.24 -24.66
C LYS A 90 19.84 -16.04 -25.48
N ILE A 91 19.50 -16.29 -26.74
CA ILE A 91 20.38 -17.05 -27.62
C ILE A 91 21.02 -16.14 -28.66
N LYS A 92 20.33 -15.05 -28.99
CA LYS A 92 20.83 -14.10 -29.98
C LYS A 92 20.71 -14.65 -31.40
N GLN A 93 21.36 -15.78 -31.63
CA GLN A 93 21.32 -16.42 -32.94
C GLN A 93 19.89 -16.55 -33.45
N ALA A 94 18.96 -16.68 -32.51
CA ALA A 94 17.55 -16.81 -32.86
C ALA A 94 17.11 -15.71 -33.82
N VAL A 95 17.74 -14.55 -33.72
CA VAL A 95 17.43 -13.43 -34.58
C VAL A 95 17.50 -13.83 -36.05
N GLY A 96 18.33 -14.82 -36.36
CA GLY A 96 18.47 -15.28 -37.72
C GLY A 96 17.13 -15.61 -38.37
N VAL A 97 16.17 -15.99 -37.55
CA VAL A 97 14.84 -16.34 -38.04
C VAL A 97 14.17 -15.14 -38.69
N ASP A 98 14.50 -13.94 -38.21
CA ASP A 98 13.93 -12.71 -38.74
C ASP A 98 14.47 -12.43 -40.14
N LEU A 99 15.59 -13.04 -40.47
CA LEU A 99 16.22 -12.85 -41.78
C LEU A 99 15.39 -13.51 -42.88
N TRP A 100 15.05 -14.78 -42.67
CA TRP A 100 14.26 -15.52 -43.65
C TRP A 100 12.82 -15.04 -43.65
N LYS A 101 12.36 -14.55 -42.51
CA LYS A 101 11.00 -14.05 -42.37
C LYS A 101 10.78 -12.80 -43.22
N MET A 1 0.80 18.82 11.35
CA MET A 1 1.14 17.43 11.05
C MET A 1 0.92 16.55 12.27
N GLU A 2 0.21 15.43 12.07
CA GLU A 2 -0.07 14.50 13.15
C GLU A 2 0.58 13.15 12.89
N LEU A 3 0.26 12.18 13.74
CA LEU A 3 0.82 10.83 13.61
C LEU A 3 -0.26 9.83 13.21
N ALA A 4 -0.07 9.19 12.06
CA ALA A 4 -1.02 8.20 11.57
C ALA A 4 -0.34 6.87 11.27
N VAL A 5 -0.86 5.80 11.86
CA VAL A 5 -0.30 4.47 11.66
C VAL A 5 -1.39 3.45 11.38
N ILE A 6 -1.07 2.45 10.57
CA ILE A 6 -2.03 1.41 10.22
C ILE A 6 -1.43 0.02 10.44
N GLY A 7 -1.84 -0.64 11.51
CA GLY A 7 -1.35 -1.97 11.81
C GLY A 7 -2.41 -2.88 12.39
N LYS A 8 -2.08 -3.56 13.49
CA LYS A 8 -3.02 -4.46 14.14
C LYS A 8 -3.41 -3.94 15.52
N SER A 9 -4.19 -4.72 16.25
CA SER A 9 -4.64 -4.34 17.58
C SER A 9 -3.50 -4.49 18.59
N GLU A 10 -2.57 -5.38 18.30
CA GLU A 10 -1.43 -5.62 19.18
C GLU A 10 -0.38 -4.52 19.02
N PHE A 11 -0.33 -3.93 17.83
CA PHE A 11 0.64 -2.86 17.55
C PHE A 11 0.24 -1.58 18.27
N VAL A 12 -0.99 -1.14 18.06
CA VAL A 12 -1.49 0.08 18.69
C VAL A 12 -1.21 0.07 20.18
N THR A 13 -1.24 -1.11 20.78
CA THR A 13 -0.99 -1.25 22.21
C THR A 13 0.24 -0.45 22.64
N GLY A 14 1.20 -0.32 21.73
CA GLY A 14 2.40 0.42 22.03
C GLY A 14 2.18 1.92 22.02
N PHE A 15 1.54 2.41 20.96
CA PHE A 15 1.26 3.84 20.83
C PHE A 15 0.12 4.27 21.76
N ARG A 16 -1.00 3.56 21.68
CA ARG A 16 -2.16 3.86 22.52
C ARG A 16 -1.72 4.12 23.96
N LEU A 17 -0.67 3.43 24.38
CA LEU A 17 -0.17 3.58 25.75
C LEU A 17 0.23 5.02 26.03
N ALA A 18 0.97 5.63 25.11
CA ALA A 18 1.41 7.01 25.26
C ALA A 18 0.35 7.98 24.74
N GLY A 19 -0.56 7.47 23.93
CA GLY A 19 -1.62 8.30 23.37
C GLY A 19 -1.08 9.37 22.44
N ILE A 20 0.18 9.25 22.06
CA ILE A 20 0.82 10.21 21.17
C ILE A 20 1.09 9.59 19.80
N SER A 21 0.05 8.99 19.21
CA SER A 21 0.17 8.35 17.90
C SER A 21 -1.12 7.67 17.52
N LYS A 22 -1.77 8.18 16.48
CA LYS A 22 -3.03 7.62 16.00
C LYS A 22 -2.77 6.38 15.14
N VAL A 23 -3.03 5.21 15.70
CA VAL A 23 -2.83 3.95 14.98
C VAL A 23 -4.15 3.22 14.76
N TYR A 24 -4.26 2.54 13.64
CA TYR A 24 -5.48 1.80 13.31
C TYR A 24 -5.25 0.29 13.39
N GLU A 25 -6.32 -0.48 13.23
CA GLU A 25 -6.23 -1.93 13.30
C GLU A 25 -6.98 -2.57 12.14
N THR A 26 -6.24 -3.11 11.18
CA THR A 26 -6.84 -3.75 10.01
C THR A 26 -6.51 -5.24 9.98
N PRO A 27 -7.23 -6.03 10.78
CA PRO A 27 -7.03 -7.48 10.87
C PRO A 27 -7.49 -8.19 9.59
N ASP A 28 -8.65 -7.80 9.09
CA ASP A 28 -9.20 -8.40 7.87
C ASP A 28 -8.85 -7.57 6.64
N ILE A 29 -8.74 -8.23 5.50
CA ILE A 29 -8.41 -7.54 4.25
C ILE A 29 -9.54 -6.61 3.82
N PRO A 30 -10.78 -7.08 3.96
CA PRO A 30 -11.96 -6.30 3.59
C PRO A 30 -12.21 -5.13 4.55
N ALA A 31 -11.96 -5.37 5.83
CA ALA A 31 -12.15 -4.34 6.84
C ALA A 31 -11.14 -3.20 6.67
N THR A 32 -10.05 -3.49 5.98
CA THR A 32 -9.00 -2.50 5.75
C THR A 32 -9.59 -1.22 5.15
N GLU A 33 -10.59 -1.38 4.28
CA GLU A 33 -11.24 -0.24 3.65
C GLU A 33 -11.79 0.73 4.68
N SER A 34 -12.20 0.19 5.83
CA SER A 34 -12.74 1.00 6.91
C SER A 34 -11.77 2.12 7.29
N ALA A 35 -10.51 1.76 7.48
CA ALA A 35 -9.48 2.72 7.85
C ALA A 35 -9.22 3.70 6.71
N VAL A 36 -9.22 3.18 5.49
CA VAL A 36 -8.97 4.01 4.31
C VAL A 36 -9.95 5.18 4.25
N ARG A 37 -11.14 4.98 4.80
CA ARG A 37 -12.16 6.02 4.82
C ARG A 37 -11.63 7.29 5.46
N SER A 38 -10.98 7.14 6.61
CA SER A 38 -10.43 8.27 7.33
C SER A 38 -9.00 8.58 6.87
N VAL A 39 -8.26 7.54 6.54
CA VAL A 39 -6.88 7.69 6.08
C VAL A 39 -6.82 8.50 4.79
N LEU A 40 -7.76 8.25 3.89
CA LEU A 40 -7.81 8.95 2.62
C LEU A 40 -7.74 10.46 2.83
N GLU A 41 -8.25 10.91 3.97
CA GLU A 41 -8.23 12.33 4.30
C GLU A 41 -7.14 12.65 5.32
N ASP A 42 -6.74 11.64 6.09
CA ASP A 42 -5.72 11.81 7.10
C ASP A 42 -4.32 11.62 6.50
N LYS A 43 -4.28 11.44 5.18
CA LYS A 43 -3.01 11.25 4.48
C LYS A 43 -2.33 12.59 4.23
N SER A 44 -3.12 13.65 4.15
CA SER A 44 -2.59 14.98 3.90
C SER A 44 -2.50 15.78 5.20
N VAL A 45 -2.27 15.08 6.30
CA VAL A 45 -2.16 15.73 7.60
C VAL A 45 -0.71 15.81 8.06
N GLY A 46 -0.16 14.66 8.45
CA GLY A 46 1.21 14.62 8.91
C GLY A 46 1.98 13.44 8.34
N ILE A 47 2.60 12.66 9.21
CA ILE A 47 3.37 11.49 8.79
C ILE A 47 2.56 10.21 8.93
N LEU A 48 2.52 9.42 7.87
CA LEU A 48 1.78 8.17 7.89
C LEU A 48 2.73 6.97 7.93
N VAL A 49 2.25 5.85 8.45
CA VAL A 49 3.04 4.63 8.55
C VAL A 49 2.16 3.40 8.67
N MET A 50 2.19 2.56 7.63
CA MET A 50 1.40 1.34 7.62
C MET A 50 2.29 0.10 7.56
N HIS A 51 1.68 -1.07 7.69
CA HIS A 51 2.43 -2.32 7.65
C HIS A 51 1.91 -3.23 6.54
N ASN A 52 2.77 -3.51 5.57
CA ASN A 52 2.39 -4.36 4.44
C ASN A 52 1.77 -5.66 4.93
N ASP A 53 2.07 -6.02 6.16
CA ASP A 53 1.54 -7.25 6.76
C ASP A 53 0.01 -7.28 6.67
N ASP A 54 -0.58 -6.11 6.44
CA ASP A 54 -2.03 -6.00 6.34
C ASP A 54 -2.42 -5.20 5.10
N ILE A 55 -1.57 -4.25 4.71
CA ILE A 55 -1.83 -3.43 3.55
C ILE A 55 -1.61 -4.20 2.26
N GLY A 56 -0.59 -5.07 2.25
CA GLY A 56 -0.29 -5.86 1.08
C GLY A 56 -1.50 -6.60 0.55
N ASN A 57 -2.45 -6.88 1.43
CA ASN A 57 -3.68 -7.58 1.04
C ASN A 57 -4.36 -6.89 -0.12
N LEU A 58 -4.16 -5.58 -0.22
CA LEU A 58 -4.76 -4.79 -1.29
C LEU A 58 -3.69 -4.25 -2.24
N PRO A 59 -3.14 -5.13 -3.09
CA PRO A 59 -2.10 -4.76 -4.05
C PRO A 59 -2.64 -3.87 -5.17
N GLU A 60 -3.30 -4.49 -6.14
CA GLU A 60 -3.86 -3.75 -7.28
C GLU A 60 -5.00 -2.84 -6.81
N VAL A 61 -5.41 -3.00 -5.56
CA VAL A 61 -6.49 -2.19 -5.00
C VAL A 61 -5.94 -0.97 -4.27
N LEU A 62 -5.07 -1.22 -3.29
CA LEU A 62 -4.47 -0.14 -2.52
C LEU A 62 -3.08 0.20 -3.05
N ARG A 63 -2.14 -0.73 -2.89
CA ARG A 63 -0.78 -0.53 -3.36
C ARG A 63 -0.76 0.14 -4.73
N LYS A 64 -1.76 -0.19 -5.56
CA LYS A 64 -1.86 0.38 -6.90
C LYS A 64 -2.33 1.83 -6.84
N ASN A 65 -3.41 2.06 -6.12
CA ASN A 65 -3.97 3.41 -5.97
C ASN A 65 -2.94 4.35 -5.35
N LEU A 66 -2.27 3.88 -4.31
CA LEU A 66 -1.26 4.67 -3.62
C LEU A 66 0.03 4.75 -4.44
N ASN A 67 0.26 3.74 -5.26
CA ASN A 67 1.46 3.69 -6.10
C ASN A 67 1.67 5.02 -6.82
N GLU A 68 0.57 5.67 -7.17
CA GLU A 68 0.64 6.96 -7.87
C GLU A 68 0.18 8.09 -6.96
N SER A 69 -0.64 7.75 -5.97
CA SER A 69 -1.15 8.74 -5.03
C SER A 69 -0.28 8.82 -3.78
N VAL A 70 0.96 8.35 -3.90
CA VAL A 70 1.90 8.36 -2.79
C VAL A 70 2.47 9.76 -2.57
N GLN A 71 1.59 10.72 -2.33
CA GLN A 71 2.01 12.10 -2.11
C GLN A 71 2.69 12.25 -0.75
N PRO A 72 1.94 11.96 0.32
CA PRO A 72 2.44 12.05 1.69
C PRO A 72 3.48 10.97 2.00
N THR A 73 3.78 10.79 3.28
CA THR A 73 4.75 9.80 3.72
C THR A 73 4.06 8.55 4.24
N VAL A 74 3.83 7.58 3.36
CA VAL A 74 3.19 6.33 3.74
C VAL A 74 4.21 5.24 4.04
N VAL A 75 4.77 5.28 5.24
CA VAL A 75 5.77 4.29 5.65
C VAL A 75 5.15 2.90 5.73
N ALA A 76 5.18 2.19 4.61
CA ALA A 76 4.64 0.84 4.56
C ALA A 76 5.70 -0.20 4.87
N LEU A 77 5.71 -0.69 6.10
CA LEU A 77 6.68 -1.69 6.53
C LEU A 77 6.69 -2.87 5.58
N GLY A 78 7.90 -3.36 5.26
CA GLY A 78 8.03 -4.49 4.35
C GLY A 78 7.14 -5.66 4.76
N GLY A 79 6.51 -6.29 3.77
CA GLY A 79 5.65 -7.42 4.04
C GLY A 79 6.01 -8.64 3.23
N SER A 80 6.19 -8.45 1.93
CA SER A 80 6.54 -9.55 1.04
C SER A 80 7.54 -9.10 -0.02
N GLY A 81 7.19 -8.05 -0.76
CA GLY A 81 8.06 -7.53 -1.79
C GLY A 81 7.50 -7.73 -3.18
N SER A 82 6.19 -7.94 -3.26
CA SER A 82 5.53 -8.14 -4.54
C SER A 82 6.11 -9.34 -5.27
N GLY A 83 5.46 -10.49 -5.11
CA GLY A 83 5.93 -11.71 -5.76
C GLY A 83 6.35 -11.47 -7.19
N SER A 84 5.39 -11.44 -8.10
CA SER A 84 5.68 -11.24 -9.52
C SER A 84 4.78 -10.15 -10.09
N THR A 85 4.80 -10.01 -11.41
CA THR A 85 3.99 -9.01 -12.09
C THR A 85 3.22 -9.63 -13.25
N SER A 86 3.92 -9.92 -14.33
CA SER A 86 3.31 -10.51 -15.52
C SER A 86 4.36 -10.81 -16.59
N LEU A 87 3.90 -11.21 -17.77
CA LEU A 87 4.79 -11.52 -18.88
C LEU A 87 4.11 -11.25 -20.22
N ARG A 88 4.92 -11.06 -21.25
CA ARG A 88 4.40 -10.80 -22.58
C ARG A 88 5.39 -11.25 -23.66
N GLU A 89 5.10 -10.90 -24.91
CA GLU A 89 5.97 -11.27 -26.02
C GLU A 89 5.50 -10.61 -27.32
N LYS A 90 6.36 -10.64 -28.34
CA LYS A 90 6.04 -10.05 -29.63
C LYS A 90 7.14 -10.32 -30.64
N ILE A 91 6.74 -10.60 -31.88
CA ILE A 91 7.70 -10.87 -32.94
C ILE A 91 8.74 -9.76 -33.04
N LYS A 92 10.02 -10.15 -32.95
CA LYS A 92 11.11 -9.18 -33.03
C LYS A 92 12.45 -9.89 -33.13
N GLN A 93 12.61 -10.97 -32.35
CA GLN A 93 13.86 -11.73 -32.36
C GLN A 93 14.19 -12.21 -33.77
N ALA A 94 13.16 -12.35 -34.61
CA ALA A 94 13.35 -12.80 -35.98
C ALA A 94 14.39 -11.95 -36.70
N VAL A 95 14.51 -10.69 -36.29
CA VAL A 95 15.47 -9.78 -36.89
C VAL A 95 16.89 -10.32 -36.79
N GLY A 96 17.11 -11.18 -35.79
CA GLY A 96 18.43 -11.75 -35.61
C GLY A 96 18.91 -12.52 -36.83
N VAL A 97 17.97 -12.91 -37.68
CA VAL A 97 18.30 -13.66 -38.90
C VAL A 97 19.22 -12.84 -39.80
N ASP A 98 18.83 -11.60 -40.07
CA ASP A 98 19.61 -10.71 -40.93
C ASP A 98 20.89 -10.27 -40.21
N LEU A 99 20.90 -10.40 -38.89
CA LEU A 99 22.06 -10.01 -38.10
C LEU A 99 23.23 -10.97 -38.33
N TRP A 100 22.96 -12.26 -38.19
CA TRP A 100 23.98 -13.29 -38.39
C TRP A 100 24.31 -13.45 -39.86
N LYS A 101 23.32 -13.18 -40.72
CA LYS A 101 23.51 -13.29 -42.16
C LYS A 101 24.76 -12.52 -42.61
N MET A 1 -2.75 14.41 14.89
CA MET A 1 -2.04 14.32 13.61
C MET A 1 -0.54 14.15 13.82
N GLU A 2 0.22 14.37 12.76
CA GLU A 2 1.68 14.24 12.83
C GLU A 2 2.09 12.76 12.87
N LEU A 3 1.57 12.04 13.86
CA LEU A 3 1.87 10.63 14.02
C LEU A 3 0.70 9.76 13.57
N ALA A 4 0.85 9.10 12.42
CA ALA A 4 -0.19 8.24 11.90
C ALA A 4 0.37 6.87 11.51
N VAL A 5 -0.19 5.82 12.10
CA VAL A 5 0.25 4.46 11.83
C VAL A 5 -0.92 3.54 11.53
N ILE A 6 -0.67 2.48 10.76
CA ILE A 6 -1.72 1.53 10.41
C ILE A 6 -1.25 0.10 10.64
N GLY A 7 -1.72 -0.51 11.73
CA GLY A 7 -1.35 -1.87 12.04
C GLY A 7 -2.50 -2.68 12.58
N LYS A 8 -2.28 -3.40 13.67
CA LYS A 8 -3.31 -4.22 14.27
C LYS A 8 -3.70 -3.69 15.65
N SER A 9 -4.51 -4.45 16.37
CA SER A 9 -4.96 -4.05 17.70
C SER A 9 -3.80 -4.09 18.70
N GLU A 10 -2.83 -4.97 18.44
CA GLU A 10 -1.68 -5.10 19.31
C GLU A 10 -0.77 -3.88 19.22
N PHE A 11 -0.64 -3.33 18.01
CA PHE A 11 0.19 -2.16 17.80
C PHE A 11 -0.44 -0.92 18.41
N VAL A 12 -1.69 -0.65 18.05
CA VAL A 12 -2.41 0.51 18.56
C VAL A 12 -2.36 0.54 20.09
N THR A 13 -2.38 -0.63 20.71
CA THR A 13 -2.34 -0.73 22.16
C THR A 13 -1.02 -0.18 22.71
N GLY A 14 0.05 -0.36 21.95
CA GLY A 14 1.36 0.12 22.37
C GLY A 14 1.44 1.63 22.40
N PHE A 15 0.99 2.27 21.32
CA PHE A 15 1.01 3.72 21.23
C PHE A 15 -0.10 4.34 22.07
N ARG A 16 -1.28 3.73 22.01
CA ARG A 16 -2.43 4.23 22.76
C ARG A 16 -2.06 4.48 24.22
N LEU A 17 -1.10 3.71 24.71
CA LEU A 17 -0.65 3.85 26.10
C LEU A 17 -0.12 5.25 26.37
N ALA A 18 0.73 5.74 25.46
CA ALA A 18 1.30 7.07 25.60
C ALA A 18 0.38 8.13 25.00
N GLY A 19 -0.53 7.69 24.14
CA GLY A 19 -1.46 8.62 23.52
C GLY A 19 -0.77 9.60 22.59
N ILE A 20 0.51 9.36 22.32
CA ILE A 20 1.29 10.22 21.44
C ILE A 20 1.58 9.55 20.11
N SER A 21 0.54 9.00 19.50
CA SER A 21 0.69 8.32 18.21
C SER A 21 -0.64 7.71 17.76
N LYS A 22 -1.21 8.27 16.69
CA LYS A 22 -2.48 7.79 16.16
C LYS A 22 -2.26 6.56 15.28
N VAL A 23 -2.61 5.39 15.81
CA VAL A 23 -2.46 4.14 15.07
C VAL A 23 -3.81 3.47 14.84
N TYR A 24 -3.96 2.82 13.69
CA TYR A 24 -5.20 2.15 13.34
C TYR A 24 -5.06 0.63 13.51
N GLU A 25 -6.17 -0.08 13.37
CA GLU A 25 -6.18 -1.52 13.50
C GLU A 25 -6.97 -2.17 12.37
N THR A 26 -6.25 -2.75 11.41
CA THR A 26 -6.89 -3.39 10.27
C THR A 26 -6.25 -4.75 9.98
N PRO A 27 -6.58 -5.75 10.80
CA PRO A 27 -6.05 -7.10 10.66
C PRO A 27 -6.60 -7.82 9.43
N ASP A 28 -7.90 -7.68 9.21
CA ASP A 28 -8.54 -8.30 8.06
C ASP A 28 -8.33 -7.47 6.80
N ILE A 29 -8.29 -8.15 5.65
CA ILE A 29 -8.08 -7.48 4.37
C ILE A 29 -9.26 -6.56 4.05
N PRO A 30 -10.48 -7.04 4.30
CA PRO A 30 -11.71 -6.28 4.05
C PRO A 30 -11.87 -5.11 5.02
N ALA A 31 -11.49 -5.33 6.27
CA ALA A 31 -11.59 -4.30 7.29
C ALA A 31 -10.75 -3.08 6.93
N THR A 32 -9.68 -3.31 6.16
CA THR A 32 -8.79 -2.24 5.75
C THR A 32 -9.56 -1.09 5.11
N GLU A 33 -10.70 -1.41 4.49
CA GLU A 33 -11.53 -0.41 3.85
C GLU A 33 -11.85 0.73 4.81
N SER A 34 -11.95 0.40 6.10
CA SER A 34 -12.26 1.39 7.12
C SER A 34 -11.16 2.45 7.21
N ALA A 35 -9.93 1.98 7.42
CA ALA A 35 -8.79 2.88 7.52
C ALA A 35 -8.50 3.56 6.18
N VAL A 36 -8.74 2.84 5.09
CA VAL A 36 -8.51 3.36 3.75
C VAL A 36 -9.32 4.63 3.52
N ARG A 37 -10.46 4.73 4.19
CA ARG A 37 -11.34 5.89 4.05
C ARG A 37 -10.70 7.13 4.66
N SER A 38 -9.95 6.93 5.75
CA SER A 38 -9.29 8.03 6.44
C SER A 38 -7.94 8.33 5.80
N VAL A 39 -7.43 7.38 5.02
CA VAL A 39 -6.15 7.53 4.36
C VAL A 39 -6.22 8.60 3.26
N LEU A 40 -7.31 8.61 2.52
CA LEU A 40 -7.51 9.57 1.45
C LEU A 40 -7.32 11.00 1.96
N GLU A 41 -7.68 11.23 3.22
CA GLU A 41 -7.55 12.55 3.83
C GLU A 41 -6.35 12.59 4.78
N ASP A 42 -5.82 11.41 5.09
CA ASP A 42 -4.67 11.32 5.99
C ASP A 42 -3.50 12.14 5.46
N LYS A 43 -3.48 12.36 4.15
CA LYS A 43 -2.42 13.14 3.52
C LYS A 43 -2.32 14.53 4.14
N SER A 44 -3.41 15.00 4.72
CA SER A 44 -3.44 16.31 5.34
C SER A 44 -3.23 16.20 6.85
N VAL A 45 -2.61 15.09 7.27
CA VAL A 45 -2.35 14.86 8.69
C VAL A 45 -0.88 15.14 9.02
N GLY A 46 -0.01 14.23 8.64
CA GLY A 46 1.42 14.39 8.91
C GLY A 46 2.24 13.23 8.39
N ILE A 47 2.69 12.38 9.31
CA ILE A 47 3.50 11.22 8.95
C ILE A 47 2.67 9.93 9.02
N LEU A 48 2.63 9.20 7.92
CA LEU A 48 1.89 7.94 7.86
C LEU A 48 2.83 6.75 7.86
N VAL A 49 2.40 5.66 8.48
CA VAL A 49 3.21 4.44 8.54
C VAL A 49 2.33 3.21 8.65
N MET A 50 2.29 2.41 7.58
CA MET A 50 1.49 1.19 7.56
C MET A 50 2.37 -0.04 7.45
N HIS A 51 1.81 -1.20 7.79
CA HIS A 51 2.55 -2.45 7.74
C HIS A 51 2.06 -3.32 6.59
N ASN A 52 2.93 -3.59 5.63
CA ASN A 52 2.58 -4.41 4.48
C ASN A 52 1.98 -5.74 4.92
N ASP A 53 2.25 -6.11 6.17
CA ASP A 53 1.74 -7.36 6.71
C ASP A 53 0.21 -7.41 6.65
N ASP A 54 -0.40 -6.25 6.39
CA ASP A 54 -1.84 -6.16 6.29
C ASP A 54 -2.25 -5.37 5.06
N ILE A 55 -1.47 -4.35 4.72
CA ILE A 55 -1.75 -3.52 3.55
C ILE A 55 -1.40 -4.25 2.26
N GLY A 56 -0.46 -5.18 2.35
CA GLY A 56 -0.04 -5.94 1.19
C GLY A 56 -1.15 -6.84 0.66
N ASN A 57 -2.22 -6.98 1.43
CA ASN A 57 -3.34 -7.81 1.02
C ASN A 57 -4.02 -7.25 -0.23
N LEU A 58 -3.99 -5.93 -0.37
CA LEU A 58 -4.59 -5.27 -1.52
C LEU A 58 -3.53 -4.53 -2.33
N PRO A 59 -2.71 -5.28 -3.08
CA PRO A 59 -1.66 -4.71 -3.91
C PRO A 59 -2.21 -3.97 -5.12
N GLU A 60 -2.57 -4.70 -6.16
CA GLU A 60 -3.12 -4.11 -7.37
C GLU A 60 -4.46 -3.46 -7.09
N VAL A 61 -5.00 -3.70 -5.91
CA VAL A 61 -6.29 -3.13 -5.52
C VAL A 61 -6.11 -1.78 -4.84
N LEU A 62 -5.38 -1.78 -3.73
CA LEU A 62 -5.14 -0.56 -2.98
C LEU A 62 -3.76 0.02 -3.31
N ARG A 63 -2.71 -0.73 -2.97
CA ARG A 63 -1.35 -0.29 -3.24
C ARG A 63 -1.24 0.33 -4.64
N LYS A 64 -2.02 -0.19 -5.58
CA LYS A 64 -2.01 0.32 -6.94
C LYS A 64 -2.72 1.66 -7.03
N ASN A 65 -3.91 1.74 -6.46
CA ASN A 65 -4.69 2.98 -6.48
C ASN A 65 -3.95 4.09 -5.75
N LEU A 66 -3.37 3.77 -4.59
CA LEU A 66 -2.63 4.74 -3.80
C LEU A 66 -1.27 5.01 -4.41
N ASN A 67 -0.75 4.04 -5.16
CA ASN A 67 0.55 4.18 -5.81
C ASN A 67 0.64 5.51 -6.55
N GLU A 68 -0.49 5.99 -7.05
CA GLU A 68 -0.53 7.25 -7.78
C GLU A 68 -0.91 8.40 -6.85
N SER A 69 -1.63 8.08 -5.79
CA SER A 69 -2.07 9.09 -4.82
C SER A 69 -1.15 9.10 -3.60
N VAL A 70 0.05 8.57 -3.77
CA VAL A 70 1.02 8.52 -2.68
C VAL A 70 1.67 9.89 -2.45
N GLN A 71 0.83 10.88 -2.14
CA GLN A 71 1.32 12.23 -1.89
C GLN A 71 2.09 12.30 -0.59
N PRO A 72 1.43 11.95 0.53
CA PRO A 72 2.04 11.97 1.86
C PRO A 72 3.08 10.87 2.03
N THR A 73 3.49 10.63 3.27
CA THR A 73 4.49 9.61 3.57
C THR A 73 3.83 8.35 4.12
N VAL A 74 3.60 7.38 3.23
CA VAL A 74 2.98 6.12 3.62
C VAL A 74 4.03 5.03 3.81
N VAL A 75 4.69 5.05 4.96
CA VAL A 75 5.73 4.07 5.28
C VAL A 75 5.13 2.66 5.36
N ALA A 76 5.13 1.96 4.24
CA ALA A 76 4.60 0.60 4.19
C ALA A 76 5.68 -0.42 4.48
N LEU A 77 5.65 -0.98 5.69
CA LEU A 77 6.63 -1.98 6.11
C LEU A 77 6.42 -3.29 5.35
N GLY A 78 7.13 -3.45 4.24
CA GLY A 78 7.01 -4.65 3.45
C GLY A 78 6.52 -4.39 2.04
N GLY A 79 6.57 -5.41 1.19
CA GLY A 79 6.14 -5.25 -0.18
C GLY A 79 5.50 -6.51 -0.74
N SER A 80 5.07 -7.39 0.16
CA SER A 80 4.44 -8.64 -0.24
C SER A 80 5.31 -9.39 -1.26
N GLY A 81 6.61 -9.20 -1.15
CA GLY A 81 7.53 -9.86 -2.07
C GLY A 81 7.45 -9.30 -3.48
N SER A 82 8.50 -9.51 -4.26
CA SER A 82 8.54 -9.01 -5.63
C SER A 82 7.45 -9.64 -6.47
N GLY A 83 7.64 -10.92 -6.83
CA GLY A 83 6.65 -11.61 -7.63
C GLY A 83 7.28 -12.64 -8.55
N SER A 84 6.78 -12.73 -9.78
CA SER A 84 7.30 -13.68 -10.75
C SER A 84 7.18 -13.13 -12.17
N THR A 85 8.29 -13.12 -12.89
CA THR A 85 8.30 -12.61 -14.25
C THR A 85 8.76 -13.70 -15.24
N SER A 86 7.80 -14.42 -15.79
CA SER A 86 8.09 -15.48 -16.74
C SER A 86 8.26 -14.92 -18.15
N LEU A 87 8.33 -15.82 -19.13
CA LEU A 87 8.50 -15.42 -20.52
C LEU A 87 8.24 -16.59 -21.46
N ARG A 88 8.47 -16.38 -22.76
CA ARG A 88 8.26 -17.42 -23.75
C ARG A 88 8.70 -16.93 -25.13
N GLU A 89 8.47 -17.77 -26.14
CA GLU A 89 8.82 -17.43 -27.52
C GLU A 89 7.96 -18.18 -28.52
N LYS A 90 8.33 -18.11 -29.79
CA LYS A 90 7.59 -18.79 -30.84
C LYS A 90 8.52 -19.67 -31.68
N ILE A 91 7.99 -20.19 -32.79
CA ILE A 91 8.77 -21.05 -33.67
C ILE A 91 9.45 -20.23 -34.77
N LYS A 92 8.70 -19.32 -35.37
CA LYS A 92 9.23 -18.48 -36.44
C LYS A 92 9.40 -19.27 -37.73
N GLN A 93 10.25 -20.29 -37.68
CA GLN A 93 10.50 -21.13 -38.85
C GLN A 93 9.20 -21.72 -39.38
N ALA A 94 8.22 -21.87 -38.50
CA ALA A 94 6.93 -22.43 -38.88
C ALA A 94 6.35 -21.69 -40.08
N VAL A 95 6.51 -20.37 -40.09
CA VAL A 95 6.00 -19.55 -41.18
C VAL A 95 6.74 -19.84 -42.48
N GLY A 96 8.01 -20.19 -42.36
CA GLY A 96 8.81 -20.49 -43.53
C GLY A 96 8.23 -21.61 -44.37
N VAL A 97 7.38 -22.43 -43.74
CA VAL A 97 6.75 -23.54 -44.44
C VAL A 97 5.73 -23.05 -45.47
N ASP A 98 4.83 -22.17 -45.02
CA ASP A 98 3.81 -21.61 -45.90
C ASP A 98 4.44 -20.81 -47.04
N LEU A 99 5.70 -20.44 -46.85
CA LEU A 99 6.42 -19.66 -47.86
C LEU A 99 6.33 -20.33 -49.23
N TRP A 100 6.71 -21.60 -49.29
CA TRP A 100 6.67 -22.36 -50.53
C TRP A 100 5.24 -22.77 -50.88
N LYS A 101 4.36 -22.72 -49.89
CA LYS A 101 2.96 -23.08 -50.09
C LYS A 101 2.28 -22.10 -51.02
N MET A 1 0.81 18.63 11.57
CA MET A 1 1.08 17.23 11.26
C MET A 1 0.87 16.35 12.49
N GLU A 2 0.12 15.27 12.32
CA GLU A 2 -0.15 14.35 13.42
C GLU A 2 0.45 12.97 13.14
N LEU A 3 0.22 12.04 14.04
CA LEU A 3 0.74 10.68 13.90
C LEU A 3 -0.38 9.70 13.59
N ALA A 4 -0.30 9.05 12.44
CA ALA A 4 -1.30 8.08 12.02
C ALA A 4 -0.66 6.74 11.67
N VAL A 5 -1.15 5.67 12.30
CA VAL A 5 -0.63 4.33 12.05
C VAL A 5 -1.76 3.33 11.84
N ILE A 6 -1.51 2.33 11.00
CA ILE A 6 -2.51 1.30 10.72
C ILE A 6 -1.91 -0.09 10.83
N GLY A 7 -2.16 -0.75 11.95
CA GLY A 7 -1.64 -2.10 12.16
C GLY A 7 -2.62 -2.99 12.88
N LYS A 8 -2.16 -3.63 13.95
CA LYS A 8 -3.01 -4.54 14.73
C LYS A 8 -3.26 -3.97 16.12
N SER A 9 -4.11 -4.65 16.89
CA SER A 9 -4.44 -4.21 18.24
C SER A 9 -3.20 -4.24 19.13
N GLU A 10 -2.27 -5.14 18.81
CA GLU A 10 -1.04 -5.27 19.59
C GLU A 10 -0.10 -4.08 19.34
N PHE A 11 -0.09 -3.60 18.10
CA PHE A 11 0.75 -2.48 17.74
C PHE A 11 0.24 -1.18 18.37
N VAL A 12 -1.03 -0.87 18.12
CA VAL A 12 -1.64 0.34 18.66
C VAL A 12 -1.42 0.43 20.17
N THR A 13 -1.40 -0.72 20.84
CA THR A 13 -1.20 -0.77 22.27
C THR A 13 0.14 -0.15 22.67
N GLY A 14 1.12 -0.29 21.80
CA GLY A 14 2.44 0.26 22.08
C GLY A 14 2.43 1.78 22.12
N PHE A 15 1.83 2.39 21.10
CA PHE A 15 1.76 3.85 21.02
C PHE A 15 0.70 4.39 21.97
N ARG A 16 -0.44 3.71 22.05
CA ARG A 16 -1.52 4.12 22.92
C ARG A 16 -1.01 4.41 24.33
N LEU A 17 0.05 3.71 24.71
CA LEU A 17 0.64 3.88 26.05
C LEU A 17 1.09 5.32 26.25
N ALA A 18 1.79 5.86 25.26
CA ALA A 18 2.29 7.23 25.33
C ALA A 18 1.22 8.22 24.89
N GLY A 19 0.22 7.73 24.16
CA GLY A 19 -0.85 8.59 23.68
C GLY A 19 -0.36 9.61 22.67
N ILE A 20 0.87 9.43 22.20
CA ILE A 20 1.45 10.35 21.23
C ILE A 20 1.58 9.68 19.86
N SER A 21 0.51 9.03 19.42
CA SER A 21 0.51 8.35 18.13
C SER A 21 -0.81 7.62 17.91
N LYS A 22 -1.60 8.10 16.97
CA LYS A 22 -2.89 7.50 16.65
C LYS A 22 -2.70 6.27 15.77
N VAL A 23 -2.95 5.09 16.33
CA VAL A 23 -2.81 3.84 15.60
C VAL A 23 -4.15 3.12 15.48
N TYR A 24 -4.37 2.45 14.35
CA TYR A 24 -5.61 1.73 14.11
C TYR A 24 -5.38 0.23 14.13
N GLU A 25 -6.46 -0.54 14.00
CA GLU A 25 -6.37 -2.00 14.00
C GLU A 25 -7.17 -2.59 12.85
N THR A 26 -6.47 -3.09 11.83
CA THR A 26 -7.12 -3.69 10.68
C THR A 26 -6.75 -5.16 10.54
N PRO A 27 -7.44 -6.01 11.30
CA PRO A 27 -7.21 -7.46 11.29
C PRO A 27 -7.66 -8.10 9.99
N ASP A 28 -8.85 -7.72 9.52
CA ASP A 28 -9.40 -8.26 8.29
C ASP A 28 -9.12 -7.33 7.12
N ILE A 29 -9.11 -7.88 5.91
CA ILE A 29 -8.86 -7.11 4.71
C ILE A 29 -10.01 -6.16 4.42
N PRO A 30 -11.25 -6.67 4.57
CA PRO A 30 -12.46 -5.88 4.33
C PRO A 30 -12.68 -4.79 5.38
N ALA A 31 -12.36 -5.12 6.63
CA ALA A 31 -12.51 -4.18 7.72
C ALA A 31 -11.50 -3.04 7.61
N THR A 32 -10.43 -3.28 6.87
CA THR A 32 -9.39 -2.27 6.69
C THR A 32 -9.96 -1.00 6.07
N GLU A 33 -10.96 -1.16 5.21
CA GLU A 33 -11.60 -0.01 4.56
C GLU A 33 -12.15 0.97 5.59
N SER A 34 -12.58 0.45 6.73
CA SER A 34 -13.12 1.28 7.79
C SER A 34 -12.15 2.41 8.15
N ALA A 35 -10.91 2.05 8.41
CA ALA A 35 -9.89 3.04 8.75
C ALA A 35 -9.58 3.95 7.56
N VAL A 36 -9.55 3.37 6.36
CA VAL A 36 -9.27 4.12 5.15
C VAL A 36 -10.23 5.29 4.99
N ARG A 37 -11.41 5.17 5.61
CA ARG A 37 -12.42 6.22 5.54
C ARG A 37 -11.88 7.54 6.08
N SER A 38 -11.24 7.47 7.24
CA SER A 38 -10.67 8.67 7.86
C SER A 38 -9.26 8.93 7.37
N VAL A 39 -8.55 7.84 7.05
CA VAL A 39 -7.17 7.94 6.57
C VAL A 39 -7.12 8.64 5.21
N LEU A 40 -8.05 8.28 4.33
CA LEU A 40 -8.11 8.87 3.00
C LEU A 40 -8.04 10.39 3.08
N GLU A 41 -8.54 10.95 4.17
CA GLU A 41 -8.53 12.40 4.37
C GLU A 41 -7.44 12.80 5.36
N ASP A 42 -7.05 11.87 6.21
CA ASP A 42 -6.02 12.12 7.21
C ASP A 42 -4.62 12.04 6.60
N LYS A 43 -4.56 11.58 5.35
CA LYS A 43 -3.29 11.45 4.65
C LYS A 43 -2.65 12.82 4.43
N SER A 44 -3.49 13.86 4.39
CA SER A 44 -3.00 15.22 4.18
C SER A 44 -2.83 15.94 5.52
N VAL A 45 -2.65 15.17 6.58
CA VAL A 45 -2.47 15.74 7.92
C VAL A 45 -0.99 15.76 8.32
N GLY A 46 -0.46 14.58 8.66
CA GLY A 46 0.93 14.49 9.05
C GLY A 46 1.62 13.29 8.44
N ILE A 47 2.20 12.44 9.29
CA ILE A 47 2.89 11.26 8.81
C ILE A 47 2.07 10.00 9.05
N LEU A 48 1.93 9.19 8.01
CA LEU A 48 1.16 7.95 8.10
C LEU A 48 2.08 6.74 8.09
N VAL A 49 1.62 5.65 8.69
CA VAL A 49 2.40 4.42 8.75
C VAL A 49 1.50 3.19 8.78
N MET A 50 1.58 2.37 7.74
CA MET A 50 0.76 1.17 7.64
C MET A 50 1.65 -0.08 7.56
N HIS A 51 1.04 -1.24 7.76
CA HIS A 51 1.77 -2.51 7.71
C HIS A 51 1.48 -3.24 6.41
N ASN A 52 2.50 -3.89 5.86
CA ASN A 52 2.36 -4.64 4.62
C ASN A 52 1.45 -5.84 4.81
N ASP A 53 1.11 -6.14 6.06
CA ASP A 53 0.24 -7.26 6.38
C ASP A 53 -1.18 -7.02 5.86
N ASP A 54 -1.44 -5.79 5.43
CA ASP A 54 -2.75 -5.42 4.91
C ASP A 54 -2.62 -4.66 3.59
N ILE A 55 -1.53 -3.93 3.43
CA ILE A 55 -1.28 -3.16 2.22
C ILE A 55 -0.95 -4.09 1.05
N GLY A 56 -0.17 -5.12 1.32
CA GLY A 56 0.21 -6.07 0.28
C GLY A 56 -0.97 -6.86 -0.23
N ASN A 57 -2.09 -6.81 0.49
CA ASN A 57 -3.28 -7.54 0.10
C ASN A 57 -3.85 -6.99 -1.21
N LEU A 58 -3.58 -5.72 -1.47
CA LEU A 58 -4.06 -5.06 -2.68
C LEU A 58 -2.89 -4.49 -3.49
N PRO A 59 -2.14 -5.38 -4.16
CA PRO A 59 -1.00 -4.98 -4.98
C PRO A 59 -1.41 -4.24 -6.24
N GLU A 60 -1.80 -5.00 -7.26
CA GLU A 60 -2.22 -4.41 -8.53
C GLU A 60 -3.47 -3.55 -8.34
N VAL A 61 -4.09 -3.67 -7.17
CA VAL A 61 -5.30 -2.91 -6.86
C VAL A 61 -4.96 -1.57 -6.22
N LEU A 62 -4.24 -1.62 -5.10
CA LEU A 62 -3.86 -0.41 -4.39
C LEU A 62 -2.41 -0.03 -4.72
N ARG A 63 -1.48 -0.90 -4.36
CA ARG A 63 -0.06 -0.66 -4.61
C ARG A 63 0.15 -0.10 -6.02
N LYS A 64 -0.70 -0.53 -6.95
CA LYS A 64 -0.61 -0.07 -8.34
C LYS A 64 -1.10 1.37 -8.46
N ASN A 65 -2.26 1.66 -7.88
CA ASN A 65 -2.83 3.00 -7.93
C ASN A 65 -1.99 3.98 -7.13
N LEU A 66 -1.74 3.64 -5.87
CA LEU A 66 -0.94 4.50 -4.99
C LEU A 66 0.46 4.69 -5.56
N ASN A 67 0.91 3.73 -6.36
CA ASN A 67 2.23 3.80 -6.96
C ASN A 67 2.49 5.18 -7.57
N GLU A 68 1.45 5.76 -8.17
CA GLU A 68 1.56 7.07 -8.79
C GLU A 68 0.86 8.13 -7.95
N SER A 69 0.33 7.71 -6.81
CA SER A 69 -0.37 8.63 -5.91
C SER A 69 0.36 8.73 -4.57
N VAL A 70 1.65 8.43 -4.58
CA VAL A 70 2.47 8.50 -3.37
C VAL A 70 2.72 9.94 -2.96
N GLN A 71 1.66 10.65 -2.63
CA GLN A 71 1.77 12.05 -2.21
C GLN A 71 2.17 12.15 -0.75
N PRO A 72 1.29 11.65 0.14
CA PRO A 72 1.53 11.67 1.58
C PRO A 72 2.65 10.73 2.00
N THR A 73 2.79 10.52 3.31
CA THR A 73 3.82 9.63 3.84
C THR A 73 3.23 8.30 4.28
N VAL A 74 3.15 7.36 3.34
CA VAL A 74 2.61 6.04 3.63
C VAL A 74 3.71 5.07 4.00
N VAL A 75 4.16 5.13 5.25
CA VAL A 75 5.21 4.24 5.73
C VAL A 75 4.72 2.81 5.83
N ALA A 76 5.05 1.99 4.83
CA ALA A 76 4.65 0.60 4.81
C ALA A 76 5.64 -0.28 5.56
N LEU A 77 5.12 -1.14 6.42
CA LEU A 77 5.97 -2.04 7.21
C LEU A 77 6.03 -3.42 6.58
N GLY A 78 6.97 -3.61 5.66
CA GLY A 78 7.11 -4.89 4.99
C GLY A 78 7.08 -4.78 3.48
N GLY A 79 7.05 -5.91 2.80
CA GLY A 79 7.03 -5.91 1.35
C GLY A 79 6.54 -7.22 0.77
N SER A 80 5.23 -7.40 0.73
CA SER A 80 4.63 -8.62 0.21
C SER A 80 3.58 -8.30 -0.85
N GLY A 81 4.02 -8.08 -2.08
CA GLY A 81 3.11 -7.76 -3.16
C GLY A 81 3.76 -7.90 -4.53
N SER A 82 2.97 -8.27 -5.52
CA SER A 82 3.47 -8.44 -6.88
C SER A 82 2.34 -8.81 -7.84
N GLY A 83 2.14 -7.97 -8.85
CA GLY A 83 1.08 -8.22 -9.82
C GLY A 83 1.40 -7.63 -11.18
N SER A 84 1.45 -8.48 -12.19
CA SER A 84 1.75 -8.04 -13.56
C SER A 84 0.58 -7.24 -14.13
N THR A 85 0.86 -6.03 -14.59
CA THR A 85 -0.17 -5.17 -15.17
C THR A 85 0.27 -4.61 -16.52
N SER A 86 -0.05 -5.33 -17.58
CA SER A 86 0.33 -4.90 -18.93
C SER A 86 -0.88 -4.29 -19.66
N LEU A 87 -0.59 -3.55 -20.73
CA LEU A 87 -1.65 -2.91 -21.51
C LEU A 87 -1.06 -2.21 -22.73
N ARG A 88 -1.89 -2.03 -23.75
CA ARG A 88 -1.46 -1.37 -24.98
C ARG A 88 -2.65 -1.04 -25.86
N GLU A 89 -2.66 0.17 -26.41
CA GLU A 89 -3.75 0.61 -27.29
C GLU A 89 -3.40 1.94 -27.95
N LYS A 90 -3.27 1.91 -29.28
CA LYS A 90 -2.94 3.12 -30.04
C LYS A 90 -3.00 2.84 -31.53
N ILE A 91 -4.14 3.13 -32.14
CA ILE A 91 -4.32 2.93 -33.57
C ILE A 91 -3.27 3.69 -34.38
N LYS A 92 -3.04 4.94 -34.00
CA LYS A 92 -2.06 5.78 -34.69
C LYS A 92 -2.60 6.23 -36.04
N GLN A 93 -2.85 5.27 -36.92
CA GLN A 93 -3.37 5.57 -38.26
C GLN A 93 -4.67 6.36 -38.18
N ALA A 94 -5.37 6.22 -37.06
CA ALA A 94 -6.64 6.92 -36.85
C ALA A 94 -6.47 8.42 -37.07
N VAL A 95 -5.26 8.91 -36.82
CA VAL A 95 -4.97 10.33 -36.99
C VAL A 95 -5.20 10.78 -38.43
N GLY A 96 -5.22 9.81 -39.35
CA GLY A 96 -5.44 10.13 -40.74
C GLY A 96 -6.68 10.97 -40.97
N VAL A 97 -7.65 10.83 -40.07
CA VAL A 97 -8.89 11.59 -40.17
C VAL A 97 -8.65 13.08 -40.00
N ASP A 98 -7.75 13.43 -39.08
CA ASP A 98 -7.42 14.82 -38.84
C ASP A 98 -6.86 15.49 -40.08
N LEU A 99 -6.41 14.67 -41.03
CA LEU A 99 -5.83 15.17 -42.28
C LEU A 99 -6.78 16.18 -42.93
N TRP A 100 -8.02 15.77 -43.13
CA TRP A 100 -9.03 16.63 -43.75
C TRP A 100 -9.50 17.71 -42.77
N LYS A 101 -9.27 17.47 -41.49
CA LYS A 101 -9.68 18.41 -40.46
C LYS A 101 -8.84 19.69 -40.53
N MET A 1 1.25 19.11 12.31
CA MET A 1 1.13 17.77 11.75
C MET A 1 0.91 16.75 12.85
N GLU A 2 0.22 15.66 12.51
CA GLU A 2 -0.06 14.59 13.47
C GLU A 2 0.55 13.27 13.02
N LEU A 3 0.39 12.24 13.85
CA LEU A 3 0.91 10.92 13.53
C LEU A 3 -0.21 9.91 13.35
N ALA A 4 -0.26 9.28 12.18
CA ALA A 4 -1.29 8.29 11.88
C ALA A 4 -0.68 6.98 11.44
N VAL A 5 -1.07 5.89 12.10
CA VAL A 5 -0.55 4.56 11.78
C VAL A 5 -1.69 3.56 11.62
N ILE A 6 -1.46 2.56 10.77
CA ILE A 6 -2.46 1.52 10.53
C ILE A 6 -1.85 0.12 10.62
N GLY A 7 -2.13 -0.56 11.72
CA GLY A 7 -1.59 -1.90 11.90
C GLY A 7 -2.62 -2.85 12.50
N LYS A 8 -2.21 -3.60 13.52
CA LYS A 8 -3.09 -4.55 14.17
C LYS A 8 -3.41 -4.11 15.60
N SER A 9 -4.13 -4.97 16.33
CA SER A 9 -4.50 -4.66 17.71
C SER A 9 -3.27 -4.66 18.61
N GLU A 10 -2.26 -5.45 18.24
CA GLU A 10 -1.03 -5.54 19.02
C GLU A 10 -0.17 -4.30 18.82
N PHE A 11 -0.23 -3.72 17.63
CA PHE A 11 0.54 -2.52 17.30
C PHE A 11 -0.01 -1.31 18.05
N VAL A 12 -1.30 -1.06 17.90
CA VAL A 12 -1.94 0.07 18.56
C VAL A 12 -1.62 0.09 20.05
N THR A 13 -1.67 -1.08 20.68
CA THR A 13 -1.39 -1.19 22.10
C THR A 13 -0.07 -0.51 22.46
N GLY A 14 0.87 -0.54 21.52
CA GLY A 14 2.16 0.08 21.76
C GLY A 14 2.06 1.57 21.98
N PHE A 15 1.29 2.25 21.13
CA PHE A 15 1.12 3.69 21.24
C PHE A 15 0.22 4.04 22.43
N ARG A 16 -0.86 3.28 22.59
CA ARG A 16 -1.80 3.50 23.68
C ARG A 16 -1.06 3.80 24.99
N LEU A 17 0.13 3.21 25.13
CA LEU A 17 0.94 3.41 26.33
C LEU A 17 1.29 4.88 26.51
N ALA A 18 1.81 5.50 25.45
CA ALA A 18 2.18 6.90 25.49
C ALA A 18 1.01 7.79 25.11
N GLY A 19 0.03 7.22 24.41
CA GLY A 19 -1.14 7.98 24.00
C GLY A 19 -0.79 9.07 23.00
N ILE A 20 0.45 9.05 22.50
CA ILE A 20 0.90 10.05 21.53
C ILE A 20 1.15 9.40 20.17
N SER A 21 0.07 8.96 19.53
CA SER A 21 0.17 8.33 18.22
C SER A 21 -1.16 7.70 17.81
N LYS A 22 -1.78 8.26 16.78
CA LYS A 22 -3.06 7.76 16.29
C LYS A 22 -2.86 6.51 15.44
N VAL A 23 -2.96 5.34 16.08
CA VAL A 23 -2.81 4.07 15.38
C VAL A 23 -4.12 3.31 15.30
N TYR A 24 -4.34 2.65 14.18
CA TYR A 24 -5.57 1.88 13.97
C TYR A 24 -5.28 0.38 13.96
N GLU A 25 -6.34 -0.42 13.88
CA GLU A 25 -6.21 -1.86 13.86
C GLU A 25 -7.10 -2.48 12.79
N THR A 26 -6.48 -2.95 11.71
CA THR A 26 -7.22 -3.57 10.61
C THR A 26 -6.76 -4.99 10.36
N PRO A 27 -7.34 -5.94 11.10
CA PRO A 27 -7.00 -7.37 10.98
C PRO A 27 -7.47 -7.96 9.66
N ASP A 28 -8.60 -7.49 9.16
CA ASP A 28 -9.16 -7.97 7.90
C ASP A 28 -8.78 -7.06 6.75
N ILE A 29 -8.72 -7.62 5.56
CA ILE A 29 -8.36 -6.85 4.36
C ILE A 29 -9.44 -5.84 4.01
N PRO A 30 -10.71 -6.28 4.10
CA PRO A 30 -11.86 -5.43 3.80
C PRO A 30 -12.07 -4.33 4.84
N ALA A 31 -11.83 -4.67 6.10
CA ALA A 31 -11.99 -3.71 7.19
C ALA A 31 -11.02 -2.55 7.03
N THR A 32 -9.95 -2.77 6.29
CA THR A 32 -8.95 -1.74 6.06
C THR A 32 -9.58 -0.46 5.51
N GLU A 33 -10.60 -0.62 4.68
CA GLU A 33 -11.30 0.51 4.09
C GLU A 33 -11.89 1.41 5.17
N SER A 34 -12.28 0.80 6.28
CA SER A 34 -12.87 1.54 7.40
C SER A 34 -11.86 2.52 7.99
N ALA A 35 -10.63 2.06 8.16
CA ALA A 35 -9.58 2.90 8.72
C ALA A 35 -9.20 4.02 7.75
N VAL A 36 -9.41 3.78 6.47
CA VAL A 36 -9.10 4.77 5.44
C VAL A 36 -9.97 6.00 5.59
N ARG A 37 -11.17 5.82 6.14
CA ARG A 37 -12.10 6.93 6.34
C ARG A 37 -11.42 8.08 7.08
N SER A 38 -10.55 7.76 8.02
CA SER A 38 -9.84 8.77 8.78
C SER A 38 -8.54 9.16 8.10
N VAL A 39 -7.90 8.20 7.45
CA VAL A 39 -6.64 8.45 6.75
C VAL A 39 -6.85 9.45 5.61
N LEU A 40 -7.93 9.28 4.87
CA LEU A 40 -8.24 10.17 3.75
C LEU A 40 -8.13 11.63 4.18
N GLU A 41 -8.42 11.90 5.44
CA GLU A 41 -8.34 13.26 5.97
C GLU A 41 -7.11 13.43 6.84
N ASP A 42 -6.51 12.32 7.26
CA ASP A 42 -5.31 12.36 8.10
C ASP A 42 -4.06 12.58 7.25
N LYS A 43 -4.16 12.25 5.96
CA LYS A 43 -3.04 12.41 5.05
C LYS A 43 -2.70 13.88 4.85
N SER A 44 -3.68 14.75 5.08
CA SER A 44 -3.48 16.18 4.92
C SER A 44 -3.14 16.84 6.26
N VAL A 45 -2.84 16.01 7.25
CA VAL A 45 -2.51 16.49 8.58
C VAL A 45 -1.00 16.40 8.84
N GLY A 46 -0.51 15.17 8.98
CA GLY A 46 0.91 14.96 9.22
C GLY A 46 1.47 13.81 8.42
N ILE A 47 2.10 12.85 9.09
CA ILE A 47 2.69 11.71 8.42
C ILE A 47 1.86 10.45 8.66
N LEU A 48 1.78 9.60 7.64
CA LEU A 48 1.01 8.36 7.73
C LEU A 48 1.93 7.15 7.75
N VAL A 49 1.45 6.05 8.31
CA VAL A 49 2.22 4.82 8.40
C VAL A 49 1.32 3.59 8.37
N MET A 50 1.50 2.75 7.36
CA MET A 50 0.70 1.53 7.22
C MET A 50 1.59 0.30 7.25
N HIS A 51 0.98 -0.86 7.51
CA HIS A 51 1.71 -2.12 7.57
C HIS A 51 1.42 -2.98 6.34
N ASN A 52 2.47 -3.52 5.75
CA ASN A 52 2.33 -4.36 4.56
C ASN A 52 1.56 -5.64 4.90
N ASP A 53 1.35 -5.88 6.18
CA ASP A 53 0.62 -7.06 6.63
C ASP A 53 -0.85 -6.98 6.23
N ASP A 54 -1.24 -5.85 5.65
CA ASP A 54 -2.62 -5.64 5.22
C ASP A 54 -2.66 -5.09 3.81
N ILE A 55 -1.70 -4.23 3.48
CA ILE A 55 -1.63 -3.61 2.16
C ILE A 55 -1.21 -4.63 1.11
N GLY A 56 -0.23 -5.47 1.46
CA GLY A 56 0.25 -6.47 0.52
C GLY A 56 -0.88 -7.31 -0.04
N ASN A 57 -1.95 -7.48 0.73
CA ASN A 57 -3.09 -8.26 0.29
C ASN A 57 -3.67 -7.71 -1.01
N LEU A 58 -3.40 -6.44 -1.28
CA LEU A 58 -3.88 -5.79 -2.49
C LEU A 58 -2.73 -5.25 -3.33
N PRO A 59 -2.04 -6.15 -4.04
CA PRO A 59 -0.91 -5.79 -4.90
C PRO A 59 -1.34 -5.00 -6.13
N GLU A 60 -1.82 -5.71 -7.14
CA GLU A 60 -2.26 -5.07 -8.37
C GLU A 60 -3.49 -4.20 -8.12
N VAL A 61 -4.05 -4.31 -6.93
CA VAL A 61 -5.23 -3.52 -6.55
C VAL A 61 -4.82 -2.23 -5.84
N LEU A 62 -4.07 -2.37 -4.76
CA LEU A 62 -3.61 -1.22 -3.99
C LEU A 62 -2.18 -0.83 -4.38
N ARG A 63 -1.23 -1.73 -4.08
CA ARG A 63 0.17 -1.49 -4.40
C ARG A 63 0.32 -0.89 -5.79
N LYS A 64 -0.56 -1.29 -6.71
CA LYS A 64 -0.52 -0.80 -8.07
C LYS A 64 -1.07 0.63 -8.14
N ASN A 65 -2.20 0.86 -7.49
CA ASN A 65 -2.82 2.18 -7.49
C ASN A 65 -1.94 3.19 -6.74
N LEU A 66 -1.59 2.85 -5.51
CA LEU A 66 -0.75 3.73 -4.69
C LEU A 66 0.60 3.96 -5.36
N ASN A 67 1.04 2.99 -6.16
CA ASN A 67 2.32 3.09 -6.85
C ASN A 67 2.46 4.45 -7.53
N GLU A 68 1.35 4.96 -8.07
CA GLU A 68 1.35 6.24 -8.75
C GLU A 68 0.58 7.28 -7.95
N SER A 69 -0.25 6.81 -7.03
CA SER A 69 -1.05 7.71 -6.20
C SER A 69 -0.39 7.91 -4.84
N VAL A 70 0.90 7.63 -4.76
CA VAL A 70 1.65 7.79 -3.51
C VAL A 70 1.96 9.25 -3.25
N GLN A 71 0.92 10.07 -3.12
CA GLN A 71 1.08 11.49 -2.87
C GLN A 71 1.56 11.73 -1.44
N PRO A 72 0.73 11.32 -0.46
CA PRO A 72 1.05 11.48 0.96
C PRO A 72 2.20 10.57 1.40
N THR A 73 2.43 10.53 2.72
CA THR A 73 3.49 9.70 3.26
C THR A 73 2.94 8.43 3.91
N VAL A 74 2.75 7.40 3.10
CA VAL A 74 2.23 6.13 3.58
C VAL A 74 3.35 5.15 3.90
N VAL A 75 3.97 5.34 5.07
CA VAL A 75 5.06 4.48 5.49
C VAL A 75 4.61 3.03 5.60
N ALA A 76 4.85 2.25 4.54
CA ALA A 76 4.47 0.84 4.52
C ALA A 76 5.49 -0.01 5.25
N LEU A 77 5.00 -0.89 6.12
CA LEU A 77 5.88 -1.78 6.88
C LEU A 77 5.94 -3.16 6.25
N GLY A 78 6.84 -3.32 5.29
CA GLY A 78 6.98 -4.61 4.62
C GLY A 78 6.96 -4.47 3.11
N GLY A 79 7.44 -5.51 2.41
CA GLY A 79 7.47 -5.48 0.97
C GLY A 79 6.99 -6.79 0.35
N SER A 80 5.87 -7.30 0.86
CA SER A 80 5.31 -8.55 0.36
C SER A 80 5.05 -8.48 -1.14
N GLY A 81 4.81 -7.26 -1.63
CA GLY A 81 4.56 -7.07 -3.05
C GLY A 81 5.82 -7.14 -3.88
N SER A 82 6.28 -8.36 -4.14
CA SER A 82 7.50 -8.55 -4.94
C SER A 82 7.32 -7.99 -6.34
N GLY A 83 8.28 -8.29 -7.22
CA GLY A 83 8.21 -7.81 -8.59
C GLY A 83 7.32 -8.66 -9.46
N SER A 84 7.59 -8.66 -10.76
CA SER A 84 6.81 -9.44 -11.71
C SER A 84 7.71 -10.08 -12.77
N THR A 85 7.09 -10.80 -13.70
CA THR A 85 7.83 -11.46 -14.77
C THR A 85 7.06 -11.41 -16.09
N SER A 86 7.28 -10.36 -16.86
CA SER A 86 6.60 -10.19 -18.14
C SER A 86 6.94 -11.34 -19.09
N LEU A 87 6.51 -11.22 -20.34
CA LEU A 87 6.77 -12.24 -21.35
C LEU A 87 7.29 -11.62 -22.64
N ARG A 88 7.38 -12.44 -23.68
CA ARG A 88 7.85 -11.97 -24.98
C ARG A 88 6.90 -12.40 -26.10
N GLU A 89 7.33 -12.19 -27.34
CA GLU A 89 6.51 -12.56 -28.49
C GLU A 89 7.36 -13.25 -29.56
N LYS A 90 6.77 -13.45 -30.74
CA LYS A 90 7.47 -14.10 -31.84
C LYS A 90 6.68 -13.96 -33.14
N ILE A 91 7.22 -13.20 -34.08
CA ILE A 91 6.56 -12.99 -35.36
C ILE A 91 6.18 -14.32 -36.00
N LYS A 92 4.89 -14.47 -36.30
CA LYS A 92 4.39 -15.69 -36.92
C LYS A 92 3.21 -15.39 -37.84
N GLN A 93 2.32 -14.53 -37.39
CA GLN A 93 1.14 -14.15 -38.17
C GLN A 93 1.56 -13.59 -39.53
N ALA A 94 2.78 -13.06 -39.60
CA ALA A 94 3.30 -12.49 -40.83
C ALA A 94 3.15 -13.47 -42.00
N VAL A 95 3.35 -14.75 -41.71
CA VAL A 95 3.24 -15.79 -42.73
C VAL A 95 1.88 -15.71 -43.44
N GLY A 96 0.87 -15.25 -42.72
CA GLY A 96 -0.46 -15.14 -43.29
C GLY A 96 -0.49 -14.25 -44.52
N VAL A 97 0.53 -13.41 -44.67
CA VAL A 97 0.61 -12.50 -45.81
C VAL A 97 0.79 -13.28 -47.11
N ASP A 98 1.53 -14.38 -47.04
CA ASP A 98 1.78 -15.22 -48.22
C ASP A 98 0.50 -15.95 -48.63
N LEU A 99 -0.45 -16.05 -47.70
CA LEU A 99 -1.71 -16.74 -47.98
C LEU A 99 -2.56 -15.93 -48.94
N TRP A 100 -2.76 -14.64 -48.63
CA TRP A 100 -3.56 -13.76 -49.47
C TRP A 100 -2.82 -13.43 -50.76
N LYS A 101 -1.49 -13.48 -50.71
CA LYS A 101 -0.67 -13.19 -51.88
C LYS A 101 -0.83 -14.27 -52.94
N MET A 1 2.25 18.81 11.59
CA MET A 1 2.24 17.41 11.18
C MET A 1 2.05 16.50 12.40
N GLU A 2 1.10 15.57 12.30
CA GLU A 2 0.84 14.63 13.38
C GLU A 2 1.43 13.26 13.08
N LEU A 3 1.12 12.29 13.94
CA LEU A 3 1.63 10.94 13.77
C LEU A 3 0.50 9.96 13.51
N ALA A 4 0.59 9.21 12.42
CA ALA A 4 -0.42 8.23 12.06
C ALA A 4 0.19 6.86 11.79
N VAL A 5 -0.50 5.81 12.23
CA VAL A 5 -0.01 4.45 12.03
C VAL A 5 -1.15 3.51 11.66
N ILE A 6 -0.85 2.51 10.84
CA ILE A 6 -1.86 1.54 10.42
C ILE A 6 -1.33 0.11 10.55
N GLY A 7 -1.71 -0.55 11.64
CA GLY A 7 -1.27 -1.91 11.86
C GLY A 7 -2.35 -2.78 12.45
N LYS A 8 -2.00 -3.54 13.49
CA LYS A 8 -2.95 -4.42 14.16
C LYS A 8 -3.25 -3.94 15.57
N SER A 9 -3.91 -4.78 16.35
CA SER A 9 -4.26 -4.43 17.72
C SER A 9 -3.03 -4.52 18.63
N GLU A 10 -2.10 -5.40 18.28
CA GLU A 10 -0.89 -5.57 19.07
C GLU A 10 0.04 -4.37 18.91
N PHE A 11 0.07 -3.81 17.70
CA PHE A 11 0.92 -2.66 17.43
C PHE A 11 0.41 -1.41 18.14
N VAL A 12 -0.87 -1.10 17.92
CA VAL A 12 -1.49 0.07 18.54
C VAL A 12 -1.28 0.07 20.04
N THR A 13 -1.26 -1.12 20.63
CA THR A 13 -1.06 -1.27 22.08
C THR A 13 0.07 -0.38 22.56
N GLY A 14 1.07 -0.16 21.70
CA GLY A 14 2.19 0.67 22.07
C GLY A 14 1.85 2.14 22.08
N PHE A 15 1.19 2.61 21.03
CA PHE A 15 0.80 4.00 20.92
C PHE A 15 -0.40 4.31 21.82
N ARG A 16 -1.46 3.53 21.66
CA ARG A 16 -2.66 3.71 22.46
C ARG A 16 -2.32 3.90 23.93
N LEU A 17 -1.23 3.26 24.36
CA LEU A 17 -0.80 3.36 25.75
C LEU A 17 -0.50 4.80 26.14
N ALA A 18 0.25 5.49 25.28
CA ALA A 18 0.60 6.88 25.53
C ALA A 18 -0.48 7.83 25.01
N GLY A 19 -1.33 7.32 24.12
CA GLY A 19 -2.40 8.13 23.56
C GLY A 19 -1.88 9.27 22.70
N ILE A 20 -0.58 9.24 22.41
CA ILE A 20 0.04 10.28 21.60
C ILE A 20 0.42 9.74 20.22
N SER A 21 -0.56 9.21 19.50
CA SER A 21 -0.32 8.67 18.16
C SER A 21 -1.58 8.04 17.60
N LYS A 22 -2.07 8.58 16.49
CA LYS A 22 -3.27 8.07 15.85
C LYS A 22 -2.97 6.80 15.05
N VAL A 23 -3.10 5.65 15.70
CA VAL A 23 -2.85 4.38 15.05
C VAL A 23 -4.14 3.57 14.89
N TYR A 24 -4.25 2.84 13.79
CA TYR A 24 -5.43 2.03 13.52
C TYR A 24 -5.11 0.54 13.64
N GLU A 25 -6.15 -0.28 13.62
CA GLU A 25 -5.98 -1.72 13.73
C GLU A 25 -6.83 -2.45 12.69
N THR A 26 -6.18 -2.98 11.66
CA THR A 26 -6.89 -3.71 10.61
C THR A 26 -6.35 -5.13 10.46
N PRO A 27 -6.85 -6.03 11.31
CA PRO A 27 -6.44 -7.44 11.31
C PRO A 27 -6.93 -8.18 10.06
N ASP A 28 -8.17 -7.90 9.67
CA ASP A 28 -8.77 -8.54 8.50
C ASP A 28 -8.54 -7.69 7.25
N ILE A 29 -8.40 -8.37 6.12
CA ILE A 29 -8.18 -7.68 4.85
C ILE A 29 -9.38 -6.84 4.46
N PRO A 30 -10.58 -7.40 4.64
CA PRO A 30 -11.85 -6.71 4.32
C PRO A 30 -12.13 -5.56 5.27
N ALA A 31 -11.80 -5.75 6.54
CA ALA A 31 -12.03 -4.72 7.55
C ALA A 31 -11.16 -3.49 7.28
N THR A 32 -10.03 -3.71 6.62
CA THR A 32 -9.10 -2.62 6.31
C THR A 32 -9.83 -1.48 5.60
N GLU A 33 -10.88 -1.81 4.86
CA GLU A 33 -11.66 -0.81 4.14
C GLU A 33 -12.13 0.30 5.08
N SER A 34 -12.36 -0.06 6.34
CA SER A 34 -12.82 0.90 7.34
C SER A 34 -11.78 1.99 7.57
N ALA A 35 -10.54 1.57 7.84
CA ALA A 35 -9.44 2.50 8.07
C ALA A 35 -9.15 3.33 6.82
N VAL A 36 -9.29 2.69 5.66
CA VAL A 36 -9.04 3.37 4.39
C VAL A 36 -9.85 4.66 4.29
N ARG A 37 -10.99 4.69 4.96
CA ARG A 37 -11.86 5.86 4.95
C ARG A 37 -11.16 7.07 5.58
N SER A 38 -10.35 6.81 6.60
CA SER A 38 -9.64 7.87 7.29
C SER A 38 -8.31 8.17 6.60
N VAL A 39 -7.84 7.21 5.80
CA VAL A 39 -6.58 7.37 5.08
C VAL A 39 -6.68 8.51 4.06
N LEU A 40 -7.82 8.60 3.38
CA LEU A 40 -8.04 9.64 2.38
C LEU A 40 -7.81 11.02 2.98
N GLU A 41 -8.08 11.16 4.28
CA GLU A 41 -7.90 12.43 4.97
C GLU A 41 -6.59 12.44 5.76
N ASP A 42 -6.05 11.25 6.01
CA ASP A 42 -4.81 11.12 6.75
C ASP A 42 -3.63 11.67 5.94
N LYS A 43 -3.86 11.93 4.66
CA LYS A 43 -2.83 12.45 3.77
C LYS A 43 -2.49 13.90 4.13
N SER A 44 -3.48 14.61 4.67
CA SER A 44 -3.29 16.00 5.05
C SER A 44 -3.04 16.12 6.56
N VAL A 45 -2.46 15.09 7.14
CA VAL A 45 -2.15 15.08 8.57
C VAL A 45 -0.67 15.31 8.83
N GLY A 46 0.13 14.28 8.59
CA GLY A 46 1.56 14.39 8.81
C GLY A 46 2.30 13.14 8.39
N ILE A 47 3.09 12.59 9.32
CA ILE A 47 3.86 11.39 9.04
C ILE A 47 3.04 10.13 9.33
N LEU A 48 2.77 9.35 8.28
CA LEU A 48 2.00 8.12 8.42
C LEU A 48 2.89 6.90 8.28
N VAL A 49 2.48 5.78 8.87
CA VAL A 49 3.24 4.54 8.81
C VAL A 49 2.32 3.33 8.90
N MET A 50 2.28 2.54 7.84
CA MET A 50 1.44 1.34 7.79
C MET A 50 2.30 0.09 7.66
N HIS A 51 1.65 -1.07 7.70
CA HIS A 51 2.35 -2.35 7.59
C HIS A 51 1.76 -3.19 6.47
N ASN A 52 2.62 -3.78 5.66
CA ASN A 52 2.17 -4.62 4.54
C ASN A 52 1.22 -5.70 5.02
N ASP A 53 1.25 -5.98 6.32
CA ASP A 53 0.38 -6.99 6.91
C ASP A 53 -1.07 -6.73 6.55
N ASP A 54 -1.38 -5.50 6.16
CA ASP A 54 -2.73 -5.11 5.79
C ASP A 54 -2.74 -4.34 4.48
N ILE A 55 -1.75 -3.47 4.31
CA ILE A 55 -1.65 -2.66 3.10
C ILE A 55 -1.50 -3.53 1.86
N GLY A 56 -1.03 -4.77 2.07
CA GLY A 56 -0.85 -5.69 0.96
C GLY A 56 -2.14 -6.38 0.57
N ASN A 57 -3.17 -6.23 1.40
CA ASN A 57 -4.47 -6.85 1.14
C ASN A 57 -4.98 -6.44 -0.24
N LEU A 58 -4.68 -5.22 -0.65
CA LEU A 58 -5.11 -4.71 -1.95
C LEU A 58 -3.91 -4.26 -2.78
N PRO A 59 -3.25 -5.22 -3.44
CA PRO A 59 -2.08 -4.94 -4.28
C PRO A 59 -2.46 -4.19 -5.55
N GLU A 60 -2.91 -4.94 -6.57
CA GLU A 60 -3.30 -4.34 -7.84
C GLU A 60 -4.50 -3.42 -7.66
N VAL A 61 -5.12 -3.48 -6.48
CA VAL A 61 -6.28 -2.65 -6.19
C VAL A 61 -5.87 -1.33 -5.55
N LEU A 62 -5.15 -1.41 -4.43
CA LEU A 62 -4.69 -0.22 -3.73
C LEU A 62 -3.23 0.08 -4.06
N ARG A 63 -2.34 -0.82 -3.66
CA ARG A 63 -0.91 -0.65 -3.92
C ARG A 63 -0.68 -0.13 -5.34
N LYS A 64 -1.53 -0.55 -6.26
CA LYS A 64 -1.41 -0.13 -7.65
C LYS A 64 -1.85 1.32 -7.83
N ASN A 65 -3.01 1.65 -7.26
CA ASN A 65 -3.54 3.00 -7.34
C ASN A 65 -2.66 3.99 -6.57
N LEU A 66 -2.40 3.68 -5.31
CA LEU A 66 -1.57 4.53 -4.46
C LEU A 66 -0.16 4.65 -5.03
N ASN A 67 0.25 3.65 -5.81
CA ASN A 67 1.58 3.64 -6.42
C ASN A 67 1.88 4.97 -7.09
N GLU A 68 0.85 5.56 -7.70
CA GLU A 68 1.01 6.84 -8.37
C GLU A 68 0.36 7.97 -7.57
N SER A 69 -0.19 7.62 -6.41
CA SER A 69 -0.83 8.60 -5.54
C SER A 69 -0.10 8.74 -4.22
N VAL A 70 1.19 8.38 -4.23
CA VAL A 70 2.02 8.46 -3.03
C VAL A 70 2.33 9.91 -2.68
N GLN A 71 1.30 10.69 -2.36
CA GLN A 71 1.47 12.08 -2.01
C GLN A 71 1.99 12.23 -0.59
N PRO A 72 1.19 11.77 0.38
CA PRO A 72 1.56 11.83 1.80
C PRO A 72 2.70 10.89 2.15
N THR A 73 2.95 10.72 3.45
CA THR A 73 4.02 9.85 3.92
C THR A 73 3.47 8.53 4.42
N VAL A 74 3.22 7.60 3.51
CA VAL A 74 2.69 6.29 3.87
C VAL A 74 3.81 5.28 4.07
N VAL A 75 4.49 5.36 5.20
CA VAL A 75 5.58 4.46 5.51
C VAL A 75 5.08 3.04 5.72
N ALA A 76 5.00 2.29 4.63
CA ALA A 76 4.54 0.90 4.68
C ALA A 76 5.68 -0.05 5.01
N LEU A 77 5.45 -0.92 5.98
CA LEU A 77 6.46 -1.89 6.40
C LEU A 77 6.51 -3.07 5.44
N GLY A 78 7.72 -3.44 5.03
CA GLY A 78 7.89 -4.56 4.11
C GLY A 78 8.21 -4.11 2.70
N GLY A 79 7.32 -4.42 1.77
CA GLY A 79 7.53 -4.05 0.38
C GLY A 79 7.16 -5.15 -0.59
N SER A 80 5.86 -5.32 -0.81
CA SER A 80 5.37 -6.35 -1.72
C SER A 80 4.45 -5.76 -2.77
N GLY A 81 5.04 -5.24 -3.85
CA GLY A 81 4.25 -4.65 -4.91
C GLY A 81 3.75 -5.68 -5.90
N SER A 82 3.42 -5.21 -7.11
CA SER A 82 2.91 -6.11 -8.15
C SER A 82 3.32 -5.60 -9.54
N GLY A 83 2.78 -6.24 -10.57
CA GLY A 83 3.09 -5.84 -11.93
C GLY A 83 1.90 -5.25 -12.65
N SER A 84 1.92 -5.31 -13.98
CA SER A 84 0.83 -4.77 -14.78
C SER A 84 0.99 -5.18 -16.25
N THR A 85 -0.07 -5.78 -16.79
CA THR A 85 -0.05 -6.22 -18.19
C THR A 85 -0.16 -5.04 -19.15
N SER A 86 -0.78 -5.28 -20.29
CA SER A 86 -0.93 -4.23 -21.30
C SER A 86 -2.26 -4.39 -22.05
N LEU A 87 -2.43 -3.62 -23.12
CA LEU A 87 -3.65 -3.67 -23.91
C LEU A 87 -3.35 -4.06 -25.35
N ARG A 88 -4.35 -3.97 -26.21
CA ARG A 88 -4.18 -4.30 -27.62
C ARG A 88 -4.51 -3.11 -28.51
N GLU A 89 -4.59 -3.36 -29.82
CA GLU A 89 -4.88 -2.30 -30.78
C GLU A 89 -6.22 -2.56 -31.49
N LYS A 90 -6.52 -1.74 -32.48
CA LYS A 90 -7.76 -1.89 -33.24
C LYS A 90 -7.53 -1.64 -34.71
N ILE A 91 -8.60 -1.65 -35.50
CA ILE A 91 -8.50 -1.43 -36.93
C ILE A 91 -9.42 -0.28 -37.37
N LYS A 92 -9.37 0.82 -36.63
CA LYS A 92 -10.20 1.98 -36.95
C LYS A 92 -9.80 2.58 -38.30
N GLN A 93 -8.49 2.64 -38.55
CA GLN A 93 -7.99 3.20 -39.80
C GLN A 93 -8.61 2.48 -41.00
N ALA A 94 -9.02 1.23 -40.80
CA ALA A 94 -9.62 0.43 -41.86
C ALA A 94 -10.79 1.18 -42.50
N VAL A 95 -11.45 2.03 -41.71
CA VAL A 95 -12.58 2.80 -42.20
C VAL A 95 -12.18 3.65 -43.41
N GLY A 96 -10.89 3.96 -43.51
CA GLY A 96 -10.40 4.76 -44.61
C GLY A 96 -10.80 4.20 -45.96
N VAL A 97 -10.98 2.89 -46.03
CA VAL A 97 -11.37 2.22 -47.27
C VAL A 97 -12.78 2.64 -47.68
N ASP A 98 -13.59 3.01 -46.72
CA ASP A 98 -14.97 3.42 -46.99
C ASP A 98 -15.00 4.77 -47.70
N LEU A 99 -13.91 5.51 -47.59
CA LEU A 99 -13.81 6.83 -48.22
C LEU A 99 -13.72 6.70 -49.75
N TRP A 100 -12.80 5.85 -50.21
CA TRP A 100 -12.63 5.64 -51.64
C TRP A 100 -13.78 4.83 -52.22
N LYS A 101 -14.40 4.01 -51.37
CA LYS A 101 -15.52 3.17 -51.80
C LYS A 101 -16.71 4.04 -52.20
N MET A 1 2.48 18.50 11.79
CA MET A 1 2.04 17.23 11.25
C MET A 1 1.56 16.30 12.35
N GLU A 2 0.62 15.41 12.02
CA GLU A 2 0.09 14.45 12.98
C GLU A 2 0.69 13.07 12.77
N LEU A 3 0.30 12.13 13.64
CA LEU A 3 0.81 10.76 13.56
C LEU A 3 -0.28 9.82 13.08
N ALA A 4 -0.03 9.16 11.95
CA ALA A 4 -1.00 8.21 11.40
C ALA A 4 -0.35 6.86 11.14
N VAL A 5 -0.87 5.82 11.80
CA VAL A 5 -0.34 4.47 11.65
C VAL A 5 -1.46 3.47 11.41
N ILE A 6 -1.19 2.46 10.60
CA ILE A 6 -2.18 1.43 10.29
C ILE A 6 -1.57 0.04 10.41
N GLY A 7 -1.91 -0.65 11.51
CA GLY A 7 -1.38 -1.98 11.73
C GLY A 7 -2.42 -2.91 12.33
N LYS A 8 -2.04 -3.61 13.40
CA LYS A 8 -2.95 -4.54 14.07
C LYS A 8 -3.30 -4.03 15.46
N SER A 9 -4.00 -4.87 16.23
CA SER A 9 -4.41 -4.51 17.58
C SER A 9 -3.21 -4.47 18.52
N GLU A 10 -2.19 -5.25 18.19
CA GLU A 10 -0.97 -5.30 19.00
C GLU A 10 -0.16 -4.02 18.84
N PHE A 11 -0.21 -3.45 17.64
CA PHE A 11 0.53 -2.23 17.35
C PHE A 11 -0.12 -1.02 18.03
N VAL A 12 -1.40 -0.84 17.79
CA VAL A 12 -2.15 0.27 18.38
C VAL A 12 -1.93 0.34 19.87
N THR A 13 -1.98 -0.82 20.53
CA THR A 13 -1.78 -0.88 21.98
C THR A 13 -0.52 -0.14 22.39
N GLY A 14 0.46 -0.13 21.51
CA GLY A 14 1.72 0.55 21.80
C GLY A 14 1.55 2.04 21.97
N PHE A 15 0.81 2.66 21.06
CA PHE A 15 0.58 4.10 21.10
C PHE A 15 -0.40 4.45 22.22
N ARG A 16 -1.47 3.67 22.34
CA ARG A 16 -2.48 3.89 23.37
C ARG A 16 -1.82 4.24 24.70
N LEU A 17 -0.63 3.70 24.94
CA LEU A 17 0.10 3.95 26.17
C LEU A 17 0.39 5.44 26.33
N ALA A 18 0.95 6.05 25.29
CA ALA A 18 1.28 7.47 25.31
C ALA A 18 0.10 8.31 24.83
N GLY A 19 -0.80 7.69 24.09
CA GLY A 19 -1.96 8.40 23.58
C GLY A 19 -1.59 9.45 22.56
N ILE A 20 -0.32 9.47 22.16
CA ILE A 20 0.15 10.43 21.17
C ILE A 20 0.53 9.75 19.87
N SER A 21 -0.48 9.28 19.15
CA SER A 21 -0.25 8.60 17.87
C SER A 21 -1.53 7.91 17.39
N LYS A 22 -2.07 8.39 16.28
CA LYS A 22 -3.29 7.82 15.71
C LYS A 22 -2.98 6.54 14.96
N VAL A 23 -3.16 5.41 15.63
CA VAL A 23 -2.90 4.11 15.02
C VAL A 23 -4.20 3.32 14.84
N TYR A 24 -4.30 2.60 13.73
CA TYR A 24 -5.49 1.81 13.43
C TYR A 24 -5.18 0.32 13.53
N GLU A 25 -6.23 -0.50 13.44
CA GLU A 25 -6.08 -1.95 13.52
C GLU A 25 -6.93 -2.65 12.46
N THR A 26 -6.26 -3.17 11.44
CA THR A 26 -6.95 -3.86 10.35
C THR A 26 -6.34 -5.23 10.10
N PRO A 27 -6.73 -6.22 10.93
CA PRO A 27 -6.23 -7.60 10.81
C PRO A 27 -6.75 -8.30 9.56
N ASP A 28 -7.99 -7.98 9.19
CA ASP A 28 -8.61 -8.58 8.01
C ASP A 28 -8.45 -7.68 6.79
N ILE A 29 -8.46 -8.28 5.61
CA ILE A 29 -8.32 -7.54 4.37
C ILE A 29 -9.55 -6.67 4.11
N PRO A 30 -10.73 -7.24 4.35
CA PRO A 30 -12.01 -6.53 4.15
C PRO A 30 -12.21 -5.42 5.17
N ALA A 31 -11.82 -5.68 6.41
CA ALA A 31 -11.96 -4.70 7.49
C ALA A 31 -11.09 -3.48 7.23
N THR A 32 -10.05 -3.65 6.41
CA THR A 32 -9.15 -2.55 6.08
C THR A 32 -9.89 -1.39 5.44
N GLU A 33 -10.93 -1.71 4.68
CA GLU A 33 -11.73 -0.69 4.01
C GLU A 33 -12.29 0.31 5.01
N SER A 34 -12.57 -0.16 6.23
CA SER A 34 -13.11 0.70 7.27
C SER A 34 -12.09 1.76 7.68
N ALA A 35 -10.87 1.32 7.95
CA ALA A 35 -9.81 2.24 8.35
C ALA A 35 -9.42 3.17 7.21
N VAL A 36 -9.63 2.71 5.98
CA VAL A 36 -9.31 3.49 4.80
C VAL A 36 -10.07 4.82 4.80
N ARG A 37 -11.25 4.81 5.39
CA ARG A 37 -12.08 6.01 5.45
C ARG A 37 -11.30 7.17 6.05
N SER A 38 -10.46 6.87 7.04
CA SER A 38 -9.66 7.90 7.70
C SER A 38 -8.33 8.09 6.99
N VAL A 39 -7.76 6.99 6.50
CA VAL A 39 -6.48 7.04 5.79
C VAL A 39 -6.57 7.90 4.54
N LEU A 40 -7.66 7.73 3.80
CA LEU A 40 -7.88 8.49 2.57
C LEU A 40 -7.64 9.98 2.81
N GLU A 41 -7.93 10.44 4.03
CA GLU A 41 -7.74 11.84 4.38
C GLU A 41 -6.49 12.02 5.23
N ASP A 42 -6.01 10.93 5.82
CA ASP A 42 -4.82 10.96 6.66
C ASP A 42 -3.57 11.21 5.82
N LYS A 43 -3.72 11.11 4.50
CA LYS A 43 -2.60 11.31 3.59
C LYS A 43 -2.18 12.78 3.56
N SER A 44 -3.16 13.68 3.69
CA SER A 44 -2.90 15.11 3.68
C SER A 44 -2.88 15.67 5.09
N VAL A 45 -2.52 14.82 6.05
CA VAL A 45 -2.46 15.23 7.46
C VAL A 45 -1.01 15.42 7.91
N GLY A 46 -0.33 14.30 8.13
CA GLY A 46 1.05 14.36 8.57
C GLY A 46 1.86 13.18 8.10
N ILE A 47 2.51 12.48 9.02
CA ILE A 47 3.32 11.32 8.69
C ILE A 47 2.51 10.03 8.77
N LEU A 48 2.55 9.25 7.71
CA LEU A 48 1.82 7.98 7.67
C LEU A 48 2.77 6.80 7.78
N VAL A 49 2.28 5.71 8.37
CA VAL A 49 3.09 4.51 8.54
C VAL A 49 2.21 3.28 8.71
N MET A 50 2.20 2.41 7.70
CA MET A 50 1.39 1.19 7.74
C MET A 50 2.29 -0.04 7.60
N HIS A 51 1.69 -1.22 7.79
CA HIS A 51 2.42 -2.48 7.68
C HIS A 51 1.96 -3.26 6.45
N ASN A 52 2.89 -3.51 5.54
CA ASN A 52 2.59 -4.25 4.32
C ASN A 52 1.92 -5.59 4.65
N ASP A 53 2.10 -6.03 5.88
CA ASP A 53 1.51 -7.29 6.33
C ASP A 53 -0.02 -7.24 6.27
N ASP A 54 -0.55 -6.04 6.02
CA ASP A 54 -1.99 -5.86 5.94
C ASP A 54 -2.36 -5.07 4.70
N ILE A 55 -1.50 -4.12 4.31
CA ILE A 55 -1.75 -3.29 3.15
C ILE A 55 -1.57 -4.10 1.86
N GLY A 56 -0.58 -4.99 1.86
CA GLY A 56 -0.33 -5.80 0.69
C GLY A 56 -1.57 -6.51 0.18
N ASN A 57 -2.50 -6.77 1.09
CA ASN A 57 -3.75 -7.45 0.75
C ASN A 57 -4.50 -6.68 -0.33
N LEU A 58 -4.23 -5.38 -0.42
CA LEU A 58 -4.87 -4.52 -1.41
C LEU A 58 -3.86 -3.95 -2.39
N PRO A 59 -3.37 -4.80 -3.31
CA PRO A 59 -2.39 -4.41 -4.32
C PRO A 59 -2.99 -3.46 -5.36
N GLU A 60 -3.69 -4.04 -6.33
CA GLU A 60 -4.31 -3.27 -7.40
C GLU A 60 -5.40 -2.36 -6.84
N VAL A 61 -5.75 -2.58 -5.57
CA VAL A 61 -6.78 -1.78 -4.91
C VAL A 61 -6.18 -0.55 -4.23
N LEU A 62 -5.27 -0.80 -3.29
CA LEU A 62 -4.63 0.29 -2.56
C LEU A 62 -3.25 0.60 -3.15
N ARG A 63 -2.35 -0.37 -3.06
CA ARG A 63 -1.00 -0.21 -3.59
C ARG A 63 -1.03 0.48 -4.95
N LYS A 64 -2.06 0.20 -5.72
CA LYS A 64 -2.21 0.80 -7.05
C LYS A 64 -2.61 2.27 -6.95
N ASN A 65 -3.65 2.54 -6.16
CA ASN A 65 -4.13 3.90 -5.98
C ASN A 65 -3.04 4.79 -5.38
N LEU A 66 -2.34 4.28 -4.38
CA LEU A 66 -1.27 5.02 -3.72
C LEU A 66 -0.02 5.05 -4.60
N ASN A 67 0.13 4.05 -5.46
CA ASN A 67 1.27 3.97 -6.35
C ASN A 67 1.53 5.32 -7.04
N GLU A 68 0.45 6.04 -7.32
CA GLU A 68 0.55 7.35 -7.97
C GLU A 68 0.20 8.46 -7.00
N SER A 69 -0.58 8.13 -5.97
CA SER A 69 -0.99 9.12 -4.98
C SER A 69 -0.06 9.09 -3.77
N VAL A 70 1.14 8.55 -3.97
CA VAL A 70 2.13 8.46 -2.90
C VAL A 70 2.80 9.81 -2.66
N GLN A 71 1.99 10.82 -2.35
CA GLN A 71 2.52 12.16 -2.11
C GLN A 71 3.22 12.23 -0.75
N PRO A 72 2.45 11.98 0.32
CA PRO A 72 2.97 12.01 1.69
C PRO A 72 3.92 10.85 1.97
N THR A 73 4.22 10.62 3.25
CA THR A 73 5.11 9.55 3.65
C THR A 73 4.33 8.35 4.16
N VAL A 74 4.20 7.33 3.30
CA VAL A 74 3.47 6.12 3.66
C VAL A 74 4.44 4.99 4.03
N VAL A 75 5.02 5.09 5.22
CA VAL A 75 5.95 4.08 5.69
C VAL A 75 5.31 2.69 5.73
N ALA A 76 5.59 1.89 4.72
CA ALA A 76 5.04 0.54 4.64
C ALA A 76 6.03 -0.49 5.14
N LEU A 77 5.82 -0.98 6.36
CA LEU A 77 6.71 -1.98 6.95
C LEU A 77 6.66 -3.28 6.17
N GLY A 78 7.83 -3.83 5.87
CA GLY A 78 7.91 -5.08 5.12
C GLY A 78 8.27 -4.86 3.66
N GLY A 79 8.22 -5.92 2.88
CA GLY A 79 8.55 -5.83 1.47
C GLY A 79 10.05 -5.86 1.21
N SER A 80 10.77 -4.95 1.86
CA SER A 80 12.21 -4.87 1.69
C SER A 80 12.87 -6.23 1.93
N GLY A 81 12.94 -6.63 3.20
CA GLY A 81 13.54 -7.92 3.54
C GLY A 81 14.95 -8.05 3.00
N SER A 82 15.09 -8.78 1.90
CA SER A 82 16.41 -8.99 1.29
C SER A 82 16.47 -8.37 -0.10
N GLY A 83 15.70 -8.94 -1.03
CA GLY A 83 15.68 -8.44 -2.39
C GLY A 83 16.30 -9.40 -3.38
N SER A 84 16.25 -9.05 -4.66
CA SER A 84 16.80 -9.89 -5.71
C SER A 84 17.95 -9.20 -6.43
N THR A 85 19.09 -9.86 -6.50
CA THR A 85 20.26 -9.31 -7.15
C THR A 85 19.94 -8.86 -8.58
N SER A 86 19.77 -9.82 -9.47
CA SER A 86 19.45 -9.53 -10.86
C SER A 86 19.29 -10.81 -11.67
N LEU A 87 19.19 -10.66 -12.99
CA LEU A 87 19.04 -11.82 -13.87
C LEU A 87 20.25 -11.98 -14.77
N ARG A 88 20.13 -12.86 -15.76
CA ARG A 88 21.22 -13.13 -16.69
C ARG A 88 20.77 -12.89 -18.13
N GLU A 89 21.70 -13.07 -19.07
CA GLU A 89 21.39 -12.87 -20.49
C GLU A 89 22.45 -13.53 -21.37
N LYS A 90 22.39 -13.26 -22.66
CA LYS A 90 23.35 -13.82 -23.61
C LYS A 90 24.31 -12.76 -24.12
N ILE A 91 25.09 -13.12 -25.14
CA ILE A 91 26.04 -12.19 -25.73
C ILE A 91 25.34 -11.18 -26.64
N LYS A 92 24.60 -11.69 -27.61
CA LYS A 92 23.88 -10.83 -28.55
C LYS A 92 24.84 -10.19 -29.55
N GLN A 93 25.76 -9.39 -29.05
CA GLN A 93 26.75 -8.71 -29.89
C GLN A 93 27.52 -9.72 -30.74
N ALA A 94 27.60 -10.96 -30.24
CA ALA A 94 28.31 -12.01 -30.95
C ALA A 94 27.83 -12.13 -32.39
N VAL A 95 26.56 -11.82 -32.61
CA VAL A 95 25.98 -11.89 -33.95
C VAL A 95 26.76 -11.03 -34.94
N GLY A 96 27.45 -10.01 -34.42
CA GLY A 96 28.23 -9.14 -35.26
C GLY A 96 29.27 -9.88 -36.07
N VAL A 97 29.66 -11.06 -35.58
CA VAL A 97 30.65 -11.88 -36.27
C VAL A 97 30.10 -12.46 -37.56
N ASP A 98 28.78 -12.64 -37.61
CA ASP A 98 28.12 -13.19 -38.79
C ASP A 98 28.15 -12.18 -39.93
N LEU A 99 28.35 -10.91 -39.59
CA LEU A 99 28.38 -9.84 -40.59
C LEU A 99 29.65 -9.95 -41.44
N TRP A 100 30.79 -10.05 -40.79
CA TRP A 100 32.07 -10.15 -41.49
C TRP A 100 32.22 -11.53 -42.13
N LYS A 101 31.56 -12.52 -41.55
CA LYS A 101 31.63 -13.89 -42.07
C LYS A 101 31.27 -13.92 -43.55
N MET A 1 -0.94 18.94 11.74
CA MET A 1 -0.04 17.83 11.48
C MET A 1 0.03 16.89 12.68
N GLU A 2 -0.13 15.59 12.43
CA GLU A 2 -0.10 14.60 13.48
C GLU A 2 0.51 13.29 12.98
N LEU A 3 0.47 12.26 13.81
CA LEU A 3 1.00 10.95 13.45
C LEU A 3 -0.11 9.91 13.36
N ALA A 4 -0.20 9.26 12.21
CA ALA A 4 -1.20 8.22 11.99
C ALA A 4 -0.57 6.91 11.56
N VAL A 5 -0.99 5.82 12.18
CA VAL A 5 -0.46 4.50 11.85
C VAL A 5 -1.58 3.50 11.64
N ILE A 6 -1.32 2.48 10.82
CA ILE A 6 -2.30 1.45 10.53
C ILE A 6 -1.71 0.05 10.68
N GLY A 7 -1.97 -0.58 11.83
CA GLY A 7 -1.45 -1.91 12.08
C GLY A 7 -2.50 -2.84 12.64
N LYS A 8 -2.14 -3.59 13.68
CA LYS A 8 -3.05 -4.52 14.31
C LYS A 8 -3.36 -4.11 15.75
N SER A 9 -4.14 -4.94 16.44
CA SER A 9 -4.51 -4.65 17.82
C SER A 9 -3.27 -4.64 18.72
N GLU A 10 -2.25 -5.38 18.32
CA GLU A 10 -1.02 -5.47 19.09
C GLU A 10 -0.21 -4.17 18.96
N PHE A 11 -0.39 -3.47 17.84
CA PHE A 11 0.32 -2.23 17.60
C PHE A 11 -0.24 -1.11 18.48
N VAL A 12 -1.55 -0.91 18.40
CA VAL A 12 -2.22 0.13 19.19
C VAL A 12 -1.82 0.03 20.66
N THR A 13 -1.62 -1.19 21.14
CA THR A 13 -1.24 -1.43 22.53
C THR A 13 0.01 -0.63 22.90
N GLY A 14 0.89 -0.44 21.91
CA GLY A 14 2.12 0.29 22.14
C GLY A 14 1.89 1.78 22.27
N PHE A 15 1.11 2.34 21.34
CA PHE A 15 0.83 3.76 21.34
C PHE A 15 0.09 4.17 22.62
N ARG A 16 -1.00 3.46 22.92
CA ARG A 16 -1.79 3.74 24.10
C ARG A 16 -0.89 4.00 25.31
N LEU A 17 0.27 3.37 25.31
CA LEU A 17 1.22 3.52 26.40
C LEU A 17 1.72 4.96 26.51
N ALA A 18 2.18 5.50 25.38
CA ALA A 18 2.67 6.86 25.34
C ALA A 18 1.56 7.85 25.01
N GLY A 19 0.48 7.34 24.42
CA GLY A 19 -0.64 8.18 24.06
C GLY A 19 -0.29 9.18 22.97
N ILE A 20 0.90 9.04 22.41
CA ILE A 20 1.35 9.94 21.35
C ILE A 20 1.56 9.18 20.04
N SER A 21 0.46 8.76 19.42
CA SER A 21 0.52 8.02 18.17
C SER A 21 -0.85 7.46 17.80
N LYS A 22 -1.50 8.10 16.84
CA LYS A 22 -2.82 7.67 16.39
C LYS A 22 -2.71 6.46 15.46
N VAL A 23 -2.73 5.26 16.05
CA VAL A 23 -2.63 4.03 15.28
C VAL A 23 -3.95 3.27 15.30
N TYR A 24 -4.27 2.63 14.18
CA TYR A 24 -5.50 1.87 14.07
C TYR A 24 -5.22 0.38 14.01
N GLU A 25 -6.27 -0.42 13.86
CA GLU A 25 -6.13 -1.87 13.79
C GLU A 25 -6.96 -2.45 12.65
N THR A 26 -6.28 -2.92 11.61
CA THR A 26 -6.96 -3.49 10.44
C THR A 26 -6.63 -4.97 10.29
N PRO A 27 -7.35 -5.82 11.06
CA PRO A 27 -7.15 -7.27 11.02
C PRO A 27 -7.63 -7.89 9.72
N ASP A 28 -8.82 -7.51 9.30
CA ASP A 28 -9.39 -8.03 8.06
C ASP A 28 -9.15 -7.07 6.90
N ILE A 29 -9.07 -7.62 5.70
CA ILE A 29 -8.84 -6.81 4.50
C ILE A 29 -10.04 -5.91 4.21
N PRO A 30 -11.25 -6.47 4.35
CA PRO A 30 -12.49 -5.73 4.11
C PRO A 30 -12.75 -4.67 5.17
N ALA A 31 -12.43 -4.99 6.41
CA ALA A 31 -12.63 -4.07 7.53
C ALA A 31 -11.75 -2.83 7.36
N THR A 32 -10.67 -2.97 6.61
CA THR A 32 -9.74 -1.87 6.39
C THR A 32 -10.48 -0.62 5.91
N GLU A 33 -11.51 -0.83 5.09
CA GLU A 33 -12.29 0.28 4.55
C GLU A 33 -12.80 1.18 5.69
N SER A 34 -13.11 0.57 6.82
CA SER A 34 -13.61 1.31 7.97
C SER A 34 -12.54 2.26 8.50
N ALA A 35 -11.34 1.74 8.72
CA ALA A 35 -10.24 2.55 9.22
C ALA A 35 -9.80 3.58 8.19
N VAL A 36 -10.02 3.28 6.92
CA VAL A 36 -9.65 4.18 5.84
C VAL A 36 -10.36 5.52 5.97
N ARG A 37 -11.53 5.50 6.61
CA ARG A 37 -12.32 6.72 6.80
C ARG A 37 -11.45 7.83 7.37
N SER A 38 -10.52 7.47 8.25
CA SER A 38 -9.63 8.44 8.87
C SER A 38 -8.39 8.67 8.01
N VAL A 39 -7.90 7.60 7.39
CA VAL A 39 -6.72 7.68 6.54
C VAL A 39 -6.94 8.65 5.39
N LEU A 40 -8.09 8.53 4.73
CA LEU A 40 -8.43 9.40 3.61
C LEU A 40 -8.36 10.87 4.02
N GLU A 41 -8.47 11.12 5.31
CA GLU A 41 -8.43 12.49 5.83
C GLU A 41 -7.16 12.71 6.65
N ASP A 42 -6.31 11.70 6.71
CA ASP A 42 -5.07 11.78 7.47
C ASP A 42 -3.89 12.04 6.54
N LYS A 43 -4.09 11.79 5.25
CA LYS A 43 -3.04 11.99 4.25
C LYS A 43 -2.68 13.48 4.14
N SER A 44 -3.68 14.33 4.35
CA SER A 44 -3.47 15.78 4.27
C SER A 44 -3.28 16.38 5.65
N VAL A 45 -2.92 15.53 6.62
CA VAL A 45 -2.70 15.98 7.98
C VAL A 45 -1.21 16.06 8.31
N GLY A 46 -0.61 14.89 8.54
CA GLY A 46 0.81 14.84 8.87
C GLY A 46 1.51 13.65 8.23
N ILE A 47 2.11 12.80 9.04
CA ILE A 47 2.81 11.63 8.55
C ILE A 47 2.00 10.36 8.78
N LEU A 48 1.84 9.56 7.73
CA LEU A 48 1.08 8.31 7.83
C LEU A 48 2.01 7.11 7.78
N VAL A 49 1.58 6.00 8.38
CA VAL A 49 2.37 4.78 8.40
C VAL A 49 1.47 3.55 8.43
N MET A 50 1.56 2.74 7.39
CA MET A 50 0.76 1.52 7.29
C MET A 50 1.66 0.29 7.19
N HIS A 51 1.08 -0.88 7.46
CA HIS A 51 1.83 -2.13 7.39
C HIS A 51 1.42 -2.95 6.17
N ASN A 52 2.38 -3.63 5.57
CA ASN A 52 2.12 -4.45 4.39
C ASN A 52 1.17 -5.59 4.71
N ASP A 53 0.91 -5.79 6.00
CA ASP A 53 0.01 -6.84 6.45
C ASP A 53 -1.44 -6.50 6.12
N ASP A 54 -1.64 -5.37 5.47
CA ASP A 54 -2.97 -4.93 5.09
C ASP A 54 -3.00 -4.43 3.65
N ILE A 55 -1.93 -3.75 3.25
CA ILE A 55 -1.83 -3.22 1.89
C ILE A 55 -1.39 -4.32 0.91
N GLY A 56 -0.52 -5.21 1.38
CA GLY A 56 -0.03 -6.28 0.54
C GLY A 56 -1.15 -7.07 -0.10
N ASN A 57 -2.27 -7.20 0.62
CA ASN A 57 -3.43 -7.94 0.12
C ASN A 57 -3.93 -7.33 -1.19
N LEU A 58 -3.59 -6.07 -1.42
CA LEU A 58 -4.01 -5.37 -2.63
C LEU A 58 -2.80 -4.88 -3.42
N PRO A 59 -2.12 -5.79 -4.10
CA PRO A 59 -0.94 -5.47 -4.92
C PRO A 59 -1.30 -4.67 -6.16
N GLU A 60 -1.75 -5.37 -7.20
CA GLU A 60 -2.13 -4.72 -8.44
C GLU A 60 -3.31 -3.78 -8.24
N VAL A 61 -3.92 -3.86 -7.07
CA VAL A 61 -5.06 -3.01 -6.73
C VAL A 61 -4.61 -1.72 -6.06
N LEU A 62 -3.90 -1.87 -4.94
CA LEU A 62 -3.41 -0.71 -4.20
C LEU A 62 -1.94 -0.44 -4.53
N ARG A 63 -1.08 -1.39 -4.19
CA ARG A 63 0.35 -1.25 -4.45
C ARG A 63 0.60 -0.68 -5.84
N LYS A 64 -0.28 -1.02 -6.78
CA LYS A 64 -0.17 -0.54 -8.16
C LYS A 64 -0.62 0.91 -8.27
N ASN A 65 -1.75 1.22 -7.64
CA ASN A 65 -2.28 2.57 -7.67
C ASN A 65 -1.39 3.53 -6.89
N LEU A 66 -1.11 3.20 -5.64
CA LEU A 66 -0.27 4.03 -4.79
C LEU A 66 1.12 4.20 -5.40
N ASN A 67 1.54 3.21 -6.18
CA ASN A 67 2.85 3.24 -6.82
C ASN A 67 3.08 4.58 -7.51
N GLU A 68 2.01 5.13 -8.10
CA GLU A 68 2.10 6.41 -8.80
C GLU A 68 1.31 7.49 -8.04
N SER A 69 0.47 7.06 -7.11
CA SER A 69 -0.34 7.98 -6.33
C SER A 69 0.24 8.18 -4.93
N VAL A 70 1.53 7.85 -4.79
CA VAL A 70 2.21 7.97 -3.51
C VAL A 70 2.56 9.43 -3.22
N GLN A 71 1.53 10.28 -3.15
CA GLN A 71 1.73 11.70 -2.88
C GLN A 71 2.11 11.92 -1.42
N PRO A 72 1.21 11.53 -0.51
CA PRO A 72 1.43 11.67 0.93
C PRO A 72 2.53 10.75 1.45
N THR A 73 2.66 10.68 2.78
CA THR A 73 3.66 9.83 3.40
C THR A 73 3.03 8.56 3.97
N VAL A 74 2.88 7.56 3.13
CA VAL A 74 2.29 6.28 3.55
C VAL A 74 3.37 5.24 3.82
N VAL A 75 4.05 5.39 4.95
CA VAL A 75 5.11 4.46 5.32
C VAL A 75 4.60 3.03 5.37
N ALA A 76 4.84 2.29 4.29
CA ALA A 76 4.39 0.90 4.22
C ALA A 76 5.46 -0.05 4.76
N LEU A 77 5.24 -0.55 5.97
CA LEU A 77 6.18 -1.47 6.60
C LEU A 77 6.17 -2.83 5.89
N GLY A 78 7.36 -3.35 5.60
CA GLY A 78 7.46 -4.63 4.94
C GLY A 78 7.27 -4.53 3.44
N GLY A 79 7.47 -5.65 2.74
CA GLY A 79 7.31 -5.65 1.29
C GLY A 79 6.66 -6.92 0.79
N SER A 80 5.34 -6.89 0.65
CA SER A 80 4.58 -8.04 0.17
C SER A 80 5.07 -8.48 -1.20
N GLY A 81 4.71 -7.71 -2.22
CA GLY A 81 5.13 -8.03 -3.57
C GLY A 81 4.08 -7.65 -4.60
N SER A 82 4.28 -8.07 -5.85
CA SER A 82 3.36 -7.76 -6.93
C SER A 82 3.08 -9.00 -7.78
N GLY A 83 4.06 -9.37 -8.60
CA GLY A 83 3.90 -10.54 -9.45
C GLY A 83 4.84 -10.51 -10.64
N SER A 84 4.43 -11.13 -11.74
CA SER A 84 5.24 -11.19 -12.95
C SER A 84 4.40 -10.88 -14.18
N THR A 85 5.02 -11.02 -15.35
CA THR A 85 4.33 -10.75 -16.61
C THR A 85 4.80 -11.70 -17.70
N SER A 86 4.09 -12.81 -17.86
CA SER A 86 4.45 -13.81 -18.87
C SER A 86 4.39 -13.20 -20.27
N LEU A 87 4.55 -14.05 -21.28
CA LEU A 87 4.51 -13.60 -22.67
C LEU A 87 3.59 -14.47 -23.50
N ARG A 88 3.63 -14.29 -24.82
CA ARG A 88 2.80 -15.07 -25.73
C ARG A 88 3.57 -15.45 -26.99
N GLU A 89 2.85 -15.98 -27.97
CA GLU A 89 3.47 -16.39 -29.23
C GLU A 89 2.92 -15.59 -30.41
N LYS A 90 3.26 -16.02 -31.61
CA LYS A 90 2.78 -15.35 -32.82
C LYS A 90 2.56 -16.34 -33.94
N ILE A 91 1.31 -16.43 -34.42
CA ILE A 91 0.97 -17.34 -35.50
C ILE A 91 1.70 -16.97 -36.79
N LYS A 92 2.58 -17.87 -37.24
CA LYS A 92 3.35 -17.65 -38.46
C LYS A 92 3.35 -18.89 -39.33
N GLN A 93 3.50 -20.06 -38.70
CA GLN A 93 3.51 -21.32 -39.43
C GLN A 93 2.26 -21.49 -40.27
N ALA A 94 1.18 -20.83 -39.84
CA ALA A 94 -0.09 -20.90 -40.56
C ALA A 94 0.09 -20.58 -42.03
N VAL A 95 1.08 -19.74 -42.34
CA VAL A 95 1.36 -19.35 -43.71
C VAL A 95 1.67 -20.56 -44.58
N GLY A 96 2.23 -21.60 -43.96
CA GLY A 96 2.57 -22.80 -44.69
C GLY A 96 1.36 -23.43 -45.35
N VAL A 97 0.17 -23.09 -44.86
CA VAL A 97 -1.07 -23.63 -45.41
C VAL A 97 -1.30 -23.13 -46.83
N ASP A 98 -1.00 -21.85 -47.06
CA ASP A 98 -1.18 -21.25 -48.37
C ASP A 98 -0.33 -21.96 -49.42
N LEU A 99 0.69 -22.69 -48.95
CA LEU A 99 1.58 -23.42 -49.85
C LEU A 99 0.85 -24.61 -50.48
N TRP A 100 0.22 -25.42 -49.64
CA TRP A 100 -0.50 -26.59 -50.12
C TRP A 100 -1.78 -26.18 -50.83
N LYS A 101 -2.31 -25.02 -50.48
CA LYS A 101 -3.53 -24.51 -51.10
C LYS A 101 -3.36 -24.37 -52.61
N MET A 1 3.52 17.96 13.35
CA MET A 1 2.96 16.84 12.62
C MET A 1 2.39 15.79 13.58
N GLU A 2 1.41 15.03 13.10
CA GLU A 2 0.79 13.99 13.90
C GLU A 2 1.30 12.61 13.52
N LEU A 3 1.15 11.66 14.43
CA LEU A 3 1.60 10.29 14.19
C LEU A 3 0.44 9.39 13.81
N ALA A 4 0.48 8.86 12.58
CA ALA A 4 -0.57 7.99 12.09
C ALA A 4 0.02 6.73 11.46
N VAL A 5 -0.40 5.57 11.95
CA VAL A 5 0.08 4.29 11.44
C VAL A 5 -1.04 3.26 11.36
N ILE A 6 -0.85 2.25 10.53
CA ILE A 6 -1.85 1.20 10.37
C ILE A 6 -1.21 -0.18 10.47
N GLY A 7 -1.48 -0.87 11.58
CA GLY A 7 -0.93 -2.20 11.77
C GLY A 7 -1.87 -3.10 12.54
N LYS A 8 -1.52 -3.39 13.80
CA LYS A 8 -2.34 -4.25 14.64
C LYS A 8 -2.95 -3.46 15.80
N SER A 9 -3.88 -4.09 16.50
CA SER A 9 -4.54 -3.44 17.63
C SER A 9 -3.62 -3.40 18.85
N GLU A 10 -2.72 -4.37 18.92
CA GLU A 10 -1.78 -4.44 20.04
C GLU A 10 -0.82 -3.25 20.02
N PHE A 11 -0.54 -2.74 18.83
CA PHE A 11 0.36 -1.60 18.66
C PHE A 11 -0.29 -0.32 19.18
N VAL A 12 -1.54 -0.08 18.76
CA VAL A 12 -2.26 1.10 19.18
C VAL A 12 -2.58 1.06 20.67
N THR A 13 -2.80 -0.14 21.19
CA THR A 13 -3.10 -0.32 22.60
C THR A 13 -2.02 0.30 23.49
N GLY A 14 -0.77 0.16 23.07
CA GLY A 14 0.33 0.71 23.84
C GLY A 14 0.47 2.21 23.64
N PHE A 15 0.45 2.64 22.38
CA PHE A 15 0.59 4.05 22.06
C PHE A 15 -0.58 4.86 22.62
N ARG A 16 -1.76 4.24 22.65
CA ARG A 16 -2.95 4.89 23.16
C ARG A 16 -2.69 5.54 24.52
N LEU A 17 -1.74 4.97 25.26
CA LEU A 17 -1.39 5.49 26.58
C LEU A 17 -0.90 6.93 26.48
N ALA A 18 -0.03 7.19 25.51
CA ALA A 18 0.51 8.53 25.31
C ALA A 18 -0.44 9.37 24.46
N GLY A 19 -1.32 8.72 23.72
CA GLY A 19 -2.26 9.43 22.88
C GLY A 19 -1.58 10.28 21.84
N ILE A 20 -0.29 10.05 21.64
CA ILE A 20 0.48 10.81 20.66
C ILE A 20 0.71 10.00 19.39
N SER A 21 0.74 8.68 19.54
CA SER A 21 0.95 7.78 18.40
C SER A 21 -0.35 7.10 18.00
N LYS A 22 -1.02 7.67 17.01
CA LYS A 22 -2.28 7.12 16.52
C LYS A 22 -2.03 5.91 15.61
N VAL A 23 -2.35 4.73 16.11
CA VAL A 23 -2.17 3.50 15.34
C VAL A 23 -3.50 2.81 15.07
N TYR A 24 -3.61 2.18 13.91
CA TYR A 24 -4.84 1.47 13.54
C TYR A 24 -4.63 -0.04 13.58
N GLU A 25 -5.69 -0.78 13.31
CA GLU A 25 -5.64 -2.23 13.32
C GLU A 25 -6.36 -2.81 12.10
N THR A 26 -5.60 -3.29 11.13
CA THR A 26 -6.16 -3.88 9.92
C THR A 26 -5.78 -5.34 9.78
N PRO A 27 -6.50 -6.22 10.50
CA PRO A 27 -6.25 -7.67 10.47
C PRO A 27 -6.64 -8.29 9.15
N ASP A 28 -7.85 -7.99 8.69
CA ASP A 28 -8.35 -8.52 7.43
C ASP A 28 -8.14 -7.52 6.29
N ILE A 29 -8.09 -8.03 5.07
CA ILE A 29 -7.89 -7.19 3.89
C ILE A 29 -9.11 -6.32 3.64
N PRO A 30 -10.31 -6.92 3.76
CA PRO A 30 -11.57 -6.21 3.54
C PRO A 30 -11.86 -5.18 4.63
N ALA A 31 -11.53 -5.54 5.87
CA ALA A 31 -11.75 -4.65 7.00
C ALA A 31 -10.82 -3.44 6.94
N THR A 32 -9.70 -3.61 6.26
CA THR A 32 -8.72 -2.53 6.13
C THR A 32 -9.39 -1.25 5.65
N GLU A 33 -10.40 -1.39 4.78
CA GLU A 33 -11.12 -0.25 4.25
C GLU A 33 -11.65 0.64 5.36
N SER A 34 -12.00 0.02 6.48
CA SER A 34 -12.54 0.75 7.63
C SER A 34 -11.56 1.83 8.08
N ALA A 35 -10.31 1.44 8.33
CA ALA A 35 -9.29 2.37 8.77
C ALA A 35 -8.95 3.37 7.67
N VAL A 36 -8.98 2.91 6.42
CA VAL A 36 -8.68 3.77 5.28
C VAL A 36 -9.64 4.94 5.21
N ARG A 37 -10.82 4.78 5.79
CA ARG A 37 -11.84 5.83 5.80
C ARG A 37 -11.29 7.10 6.45
N SER A 38 -10.65 6.94 7.60
CA SER A 38 -10.08 8.08 8.32
C SER A 38 -8.67 8.38 7.84
N VAL A 39 -7.94 7.34 7.46
CA VAL A 39 -6.57 7.49 6.97
C VAL A 39 -6.54 8.31 5.68
N LEU A 40 -7.46 8.00 4.77
CA LEU A 40 -7.53 8.69 3.49
C LEU A 40 -7.50 10.20 3.70
N GLU A 41 -8.07 10.66 4.80
CA GLU A 41 -8.10 12.08 5.12
C GLU A 41 -7.01 12.45 6.12
N ASP A 42 -6.52 11.44 6.84
CA ASP A 42 -5.48 11.66 7.83
C ASP A 42 -4.10 11.73 7.17
N LYS A 43 -4.03 11.30 5.91
CA LYS A 43 -2.79 11.32 5.16
C LYS A 43 -2.29 12.76 4.98
N SER A 44 -3.22 13.71 5.00
CA SER A 44 -2.87 15.12 4.83
C SER A 44 -2.68 15.80 6.19
N VAL A 45 -2.40 15.00 7.21
CA VAL A 45 -2.19 15.52 8.55
C VAL A 45 -0.71 15.59 8.90
N GLY A 46 -0.10 14.44 9.16
CA GLY A 46 1.31 14.39 9.49
C GLY A 46 2.04 13.29 8.75
N ILE A 47 2.62 12.37 9.50
CA ILE A 47 3.36 11.26 8.90
C ILE A 47 2.57 9.96 9.00
N LEU A 48 2.44 9.27 7.87
CA LEU A 48 1.71 8.01 7.83
C LEU A 48 2.66 6.82 7.70
N VAL A 49 2.27 5.69 8.28
CA VAL A 49 3.09 4.49 8.24
C VAL A 49 2.23 3.24 8.38
N MET A 50 2.16 2.45 7.31
CA MET A 50 1.38 1.23 7.31
C MET A 50 2.28 0.00 7.09
N HIS A 51 1.72 -1.19 7.33
CA HIS A 51 2.47 -2.41 7.16
C HIS A 51 2.02 -3.16 5.90
N ASN A 52 2.99 -3.62 5.11
CA ASN A 52 2.69 -4.35 3.88
C ASN A 52 1.92 -5.64 4.18
N ASP A 53 1.87 -6.01 5.46
CA ASP A 53 1.18 -7.22 5.87
C ASP A 53 -0.34 -7.04 5.76
N ASP A 54 -0.76 -5.87 5.29
CA ASP A 54 -2.17 -5.58 5.13
C ASP A 54 -2.45 -4.96 3.77
N ILE A 55 -1.53 -4.12 3.30
CA ILE A 55 -1.68 -3.47 2.02
C ILE A 55 -1.31 -4.41 0.88
N GLY A 56 -0.40 -5.34 1.16
CA GLY A 56 0.03 -6.29 0.15
C GLY A 56 -1.14 -7.05 -0.46
N ASN A 57 -2.26 -7.08 0.25
CA ASN A 57 -3.44 -7.80 -0.22
C ASN A 57 -4.15 -7.00 -1.32
N LEU A 58 -3.81 -5.72 -1.43
CA LEU A 58 -4.40 -4.86 -2.44
C LEU A 58 -3.37 -4.43 -3.47
N PRO A 59 -2.95 -5.37 -4.32
CA PRO A 59 -1.96 -5.11 -5.37
C PRO A 59 -2.51 -4.21 -6.47
N GLU A 60 -3.54 -4.70 -7.15
CA GLU A 60 -4.16 -3.94 -8.24
C GLU A 60 -5.31 -3.07 -7.72
N VAL A 61 -5.66 -3.28 -6.46
CA VAL A 61 -6.74 -2.52 -5.83
C VAL A 61 -6.24 -1.17 -5.32
N LEU A 62 -5.41 -1.22 -4.29
CA LEU A 62 -4.85 0.00 -3.69
C LEU A 62 -3.43 0.25 -4.18
N ARG A 63 -2.55 -0.71 -3.91
CA ARG A 63 -1.15 -0.60 -4.32
C ARG A 63 -1.05 0.01 -5.71
N LYS A 64 -1.88 -0.47 -6.63
CA LYS A 64 -1.88 0.03 -8.00
C LYS A 64 -2.28 1.51 -8.04
N ASN A 65 -3.32 1.85 -7.29
CA ASN A 65 -3.80 3.23 -7.24
C ASN A 65 -2.78 4.14 -6.54
N LEU A 66 -2.48 3.82 -5.30
CA LEU A 66 -1.53 4.60 -4.52
C LEU A 66 -0.19 4.70 -5.24
N ASN A 67 0.11 3.69 -6.06
CA ASN A 67 1.37 3.67 -6.81
C ASN A 67 1.60 5.00 -7.51
N GLU A 68 0.53 5.62 -7.99
CA GLU A 68 0.61 6.90 -8.69
C GLU A 68 -0.01 8.01 -7.86
N SER A 69 -0.70 7.63 -6.78
CA SER A 69 -1.35 8.59 -5.91
C SER A 69 -0.63 8.69 -4.58
N VAL A 70 0.63 8.27 -4.56
CA VAL A 70 1.44 8.31 -3.34
C VAL A 70 1.91 9.73 -3.04
N GLN A 71 0.95 10.61 -2.77
CA GLN A 71 1.27 12.00 -2.47
C GLN A 71 1.91 12.13 -1.08
N PRO A 72 1.15 11.72 -0.05
CA PRO A 72 1.63 11.78 1.33
C PRO A 72 2.74 10.77 1.61
N THR A 73 3.09 10.61 2.88
CA THR A 73 4.13 9.68 3.29
C THR A 73 3.54 8.43 3.91
N VAL A 74 3.25 7.43 3.08
CA VAL A 74 2.67 6.17 3.56
C VAL A 74 3.75 5.10 3.70
N VAL A 75 4.49 5.16 4.80
CA VAL A 75 5.55 4.19 5.06
C VAL A 75 5.00 2.77 5.09
N ALA A 76 5.11 2.07 3.96
CA ALA A 76 4.63 0.71 3.86
C ALA A 76 5.76 -0.29 4.01
N LEU A 77 5.80 -0.95 5.17
CA LEU A 77 6.85 -1.94 5.45
C LEU A 77 6.24 -3.24 5.94
N GLY A 78 6.72 -4.36 5.38
CA GLY A 78 6.22 -5.66 5.79
C GLY A 78 6.34 -6.70 4.69
N GLY A 79 7.48 -6.71 4.01
CA GLY A 79 7.69 -7.66 2.94
C GLY A 79 9.17 -7.94 2.68
N SER A 80 9.95 -6.87 2.53
CA SER A 80 11.37 -7.00 2.28
C SER A 80 11.63 -7.71 0.96
N GLY A 81 11.94 -6.92 -0.08
CA GLY A 81 12.20 -7.49 -1.38
C GLY A 81 12.93 -8.82 -1.31
N SER A 82 12.55 -9.76 -2.17
CA SER A 82 13.16 -11.08 -2.19
C SER A 82 14.12 -11.21 -3.36
N GLY A 83 14.60 -12.43 -3.60
CA GLY A 83 15.52 -12.67 -4.70
C GLY A 83 15.09 -13.83 -5.56
N SER A 84 15.50 -13.82 -6.83
CA SER A 84 15.16 -14.87 -7.77
C SER A 84 16.31 -15.15 -8.72
N THR A 85 16.04 -15.95 -9.75
CA THR A 85 17.06 -16.29 -10.74
C THR A 85 16.99 -15.37 -11.96
N SER A 86 17.35 -15.91 -13.11
CA SER A 86 17.32 -15.13 -14.35
C SER A 86 17.64 -16.01 -15.55
N LEU A 87 18.58 -16.93 -15.37
CA LEU A 87 18.99 -17.83 -16.43
C LEU A 87 17.79 -18.62 -16.96
N ARG A 88 17.90 -19.09 -18.21
CA ARG A 88 16.82 -19.85 -18.83
C ARG A 88 17.38 -21.03 -19.61
N GLU A 89 16.51 -21.74 -20.31
CA GLU A 89 16.91 -22.90 -21.10
C GLU A 89 16.85 -22.58 -22.60
N LYS A 90 17.04 -23.61 -23.42
CA LYS A 90 17.01 -23.45 -24.86
C LYS A 90 15.64 -22.98 -25.34
N ILE A 91 15.48 -22.85 -26.65
CA ILE A 91 14.21 -22.42 -27.22
C ILE A 91 13.66 -23.45 -28.18
N LYS A 92 14.41 -24.53 -28.38
CA LYS A 92 14.00 -25.60 -29.28
C LYS A 92 14.14 -25.17 -30.74
N GLN A 93 13.40 -24.13 -31.12
CA GLN A 93 13.44 -23.63 -32.49
C GLN A 93 14.86 -23.23 -32.88
N ALA A 94 15.68 -22.93 -31.87
CA ALA A 94 17.07 -22.54 -32.11
C ALA A 94 17.78 -23.54 -33.00
N VAL A 95 17.74 -24.81 -32.61
CA VAL A 95 18.38 -25.88 -33.38
C VAL A 95 17.64 -26.13 -34.69
N GLY A 96 16.36 -25.76 -34.71
CA GLY A 96 15.56 -25.97 -35.91
C GLY A 96 16.21 -25.39 -37.14
N VAL A 97 17.03 -24.35 -36.95
CA VAL A 97 17.71 -23.70 -38.07
C VAL A 97 18.66 -24.67 -38.76
N ASP A 98 19.21 -25.60 -38.00
CA ASP A 98 20.14 -26.59 -38.55
C ASP A 98 19.40 -27.59 -39.43
N LEU A 99 18.08 -27.67 -39.26
CA LEU A 99 17.27 -28.58 -40.05
C LEU A 99 17.18 -28.13 -41.50
N TRP A 100 16.81 -26.87 -41.69
CA TRP A 100 16.68 -26.29 -43.03
C TRP A 100 18.06 -26.09 -43.66
N LYS A 101 19.07 -25.88 -42.82
CA LYS A 101 20.42 -25.67 -43.31
C LYS A 101 20.97 -26.93 -43.98
N MET A 1 2.32 18.25 12.49
CA MET A 1 1.90 17.00 11.87
C MET A 1 1.52 15.97 12.93
N GLU A 2 0.63 15.06 12.57
CA GLU A 2 0.17 14.01 13.48
C GLU A 2 0.84 12.68 13.17
N LEU A 3 0.67 11.72 14.05
CA LEU A 3 1.26 10.39 13.87
C LEU A 3 0.18 9.35 13.57
N ALA A 4 0.08 8.97 12.30
CA ALA A 4 -0.90 7.98 11.88
C ALA A 4 -0.24 6.66 11.51
N VAL A 5 -0.70 5.57 12.12
CA VAL A 5 -0.15 4.25 11.86
C VAL A 5 -1.25 3.24 11.61
N ILE A 6 -0.95 2.23 10.80
CA ILE A 6 -1.91 1.19 10.47
C ILE A 6 -1.31 -0.20 10.64
N GLY A 7 -1.60 -0.84 11.77
CA GLY A 7 -1.08 -2.17 12.03
C GLY A 7 -2.08 -3.06 12.73
N LYS A 8 -1.70 -3.60 13.88
CA LYS A 8 -2.58 -4.48 14.65
C LYS A 8 -3.08 -3.77 15.90
N SER A 9 -3.95 -4.45 16.64
CA SER A 9 -4.53 -3.89 17.86
C SER A 9 -3.52 -3.93 19.00
N GLU A 10 -2.96 -5.11 19.25
CA GLU A 10 -1.99 -5.29 20.32
C GLU A 10 -0.89 -4.23 20.23
N PHE A 11 -0.64 -3.75 19.01
CA PHE A 11 0.39 -2.74 18.79
C PHE A 11 -0.04 -1.38 19.34
N VAL A 12 -1.33 -1.07 19.19
CA VAL A 12 -1.87 0.19 19.67
C VAL A 12 -1.92 0.22 21.20
N THR A 13 -2.07 -0.95 21.80
CA THR A 13 -2.13 -1.06 23.25
C THR A 13 -1.01 -0.24 23.91
N GLY A 14 0.15 -0.23 23.28
CA GLY A 14 1.29 0.51 23.82
C GLY A 14 1.20 1.99 23.52
N PHE A 15 0.94 2.31 22.26
CA PHE A 15 0.84 3.71 21.84
C PHE A 15 -0.30 4.42 22.56
N ARG A 16 -1.46 3.78 22.58
CA ARG A 16 -2.64 4.34 23.24
C ARG A 16 -2.28 4.90 24.62
N LEU A 17 -1.27 4.29 25.25
CA LEU A 17 -0.83 4.73 26.56
C LEU A 17 -0.37 6.18 26.54
N ALA A 18 0.42 6.54 25.53
CA ALA A 18 0.91 7.89 25.38
C ALA A 18 -0.09 8.77 24.65
N GLY A 19 -1.01 8.13 23.93
CA GLY A 19 -2.02 8.87 23.19
C GLY A 19 -1.41 9.81 22.17
N ILE A 20 -0.13 9.61 21.86
CA ILE A 20 0.56 10.44 20.89
C ILE A 20 0.70 9.73 19.55
N SER A 21 0.65 8.41 19.58
CA SER A 21 0.78 7.61 18.36
C SER A 21 -0.58 7.03 17.96
N LYS A 22 -1.24 7.69 17.02
CA LYS A 22 -2.54 7.24 16.53
C LYS A 22 -2.39 6.09 15.55
N VAL A 23 -2.56 4.86 16.03
CA VAL A 23 -2.44 3.68 15.19
C VAL A 23 -3.77 2.95 15.08
N TYR A 24 -3.99 2.32 13.94
CA TYR A 24 -5.24 1.58 13.71
C TYR A 24 -4.99 0.08 13.73
N GLU A 25 -6.04 -0.70 13.49
CA GLU A 25 -5.93 -2.15 13.48
C GLU A 25 -6.60 -2.74 12.24
N THR A 26 -5.79 -3.25 11.32
CA THR A 26 -6.29 -3.84 10.09
C THR A 26 -5.99 -5.33 10.03
N PRO A 27 -6.76 -6.13 10.77
CA PRO A 27 -6.59 -7.59 10.81
C PRO A 27 -6.98 -8.26 9.50
N ASP A 28 -8.13 -7.86 8.95
CA ASP A 28 -8.62 -8.42 7.69
C ASP A 28 -8.24 -7.52 6.52
N ILE A 29 -8.16 -8.11 5.33
CA ILE A 29 -7.80 -7.37 4.13
C ILE A 29 -8.93 -6.42 3.72
N PRO A 30 -10.17 -6.90 3.80
CA PRO A 30 -11.36 -6.11 3.46
C PRO A 30 -11.61 -4.99 4.46
N ALA A 31 -11.39 -5.27 5.74
CA ALA A 31 -11.60 -4.29 6.79
C ALA A 31 -10.77 -3.03 6.55
N THR A 32 -9.72 -3.17 5.74
CA THR A 32 -8.84 -2.05 5.43
C THR A 32 -9.64 -0.84 4.97
N GLU A 33 -10.70 -1.10 4.21
CA GLU A 33 -11.55 -0.02 3.70
C GLU A 33 -12.00 0.90 4.83
N SER A 34 -12.17 0.32 6.02
CA SER A 34 -12.60 1.09 7.19
C SER A 34 -11.55 2.11 7.59
N ALA A 35 -10.32 1.65 7.76
CA ALA A 35 -9.22 2.52 8.14
C ALA A 35 -8.94 3.57 7.07
N VAL A 36 -9.28 3.23 5.82
CA VAL A 36 -9.08 4.14 4.71
C VAL A 36 -9.91 5.41 4.87
N ARG A 37 -11.04 5.28 5.55
CA ARG A 37 -11.93 6.42 5.77
C ARG A 37 -11.16 7.61 6.34
N SER A 38 -10.27 7.33 7.29
CA SER A 38 -9.47 8.38 7.91
C SER A 38 -8.20 8.63 7.11
N VAL A 39 -7.72 7.60 6.42
CA VAL A 39 -6.51 7.71 5.62
C VAL A 39 -6.69 8.72 4.49
N LEU A 40 -7.84 8.66 3.82
CA LEU A 40 -8.14 9.57 2.72
C LEU A 40 -7.88 11.02 3.13
N GLU A 41 -8.03 11.30 4.41
CA GLU A 41 -7.81 12.64 4.92
C GLU A 41 -6.52 12.73 5.72
N ASP A 42 -5.96 11.56 6.05
CA ASP A 42 -4.71 11.50 6.80
C ASP A 42 -3.53 11.95 5.94
N LYS A 43 -3.76 12.02 4.63
CA LYS A 43 -2.71 12.44 3.70
C LYS A 43 -2.32 13.90 3.95
N SER A 44 -3.30 14.73 4.27
CA SER A 44 -3.05 16.14 4.53
C SER A 44 -2.98 16.42 6.04
N VAL A 45 -2.61 15.40 6.81
CA VAL A 45 -2.51 15.53 8.25
C VAL A 45 -1.05 15.61 8.69
N GLY A 46 -0.35 14.47 8.62
CA GLY A 46 1.04 14.44 9.01
C GLY A 46 1.80 13.30 8.38
N ILE A 47 2.38 12.44 9.22
CA ILE A 47 3.14 11.30 8.72
C ILE A 47 2.35 10.00 8.91
N LEU A 48 2.25 9.22 7.84
CA LEU A 48 1.53 7.95 7.89
C LEU A 48 2.50 6.77 7.85
N VAL A 49 2.10 5.67 8.47
CA VAL A 49 2.93 4.47 8.51
C VAL A 49 2.08 3.22 8.64
N MET A 50 2.09 2.38 7.60
CA MET A 50 1.32 1.14 7.61
C MET A 50 2.23 -0.06 7.45
N HIS A 51 1.66 -1.25 7.62
CA HIS A 51 2.43 -2.49 7.50
C HIS A 51 2.10 -3.21 6.19
N ASN A 52 3.10 -3.86 5.61
CA ASN A 52 2.91 -4.58 4.36
C ASN A 52 1.99 -5.78 4.54
N ASP A 53 1.71 -6.10 5.81
CA ASP A 53 0.82 -7.22 6.13
C ASP A 53 -0.59 -6.96 5.63
N ASP A 54 -0.86 -5.72 5.25
CA ASP A 54 -2.18 -5.34 4.76
C ASP A 54 -2.06 -4.54 3.46
N ILE A 55 -0.97 -3.81 3.32
CA ILE A 55 -0.74 -3.00 2.13
C ILE A 55 -0.60 -3.89 0.88
N GLY A 56 0.00 -5.06 1.06
CA GLY A 56 0.17 -5.97 -0.06
C GLY A 56 -1.10 -6.74 -0.38
N ASN A 57 -1.90 -7.00 0.64
CA ASN A 57 -3.15 -7.73 0.46
C ASN A 57 -4.00 -7.10 -0.65
N LEU A 58 -3.83 -5.80 -0.85
CA LEU A 58 -4.57 -5.08 -1.88
C LEU A 58 -3.64 -4.54 -2.94
N PRO A 59 -3.18 -5.42 -3.85
CA PRO A 59 -2.28 -5.06 -4.93
C PRO A 59 -2.97 -4.20 -5.99
N GLU A 60 -3.68 -4.86 -6.90
CA GLU A 60 -4.38 -4.15 -7.97
C GLU A 60 -5.50 -3.27 -7.40
N VAL A 61 -5.78 -3.45 -6.11
CA VAL A 61 -6.82 -2.68 -5.44
C VAL A 61 -6.25 -1.38 -4.85
N LEU A 62 -5.28 -1.53 -3.94
CA LEU A 62 -4.65 -0.38 -3.31
C LEU A 62 -3.32 -0.04 -3.97
N ARG A 63 -2.37 -0.97 -3.89
CA ARG A 63 -1.06 -0.77 -4.48
C ARG A 63 -1.18 -0.13 -5.86
N LYS A 64 -2.24 -0.49 -6.59
CA LYS A 64 -2.47 0.05 -7.92
C LYS A 64 -2.92 1.50 -7.85
N ASN A 65 -3.88 1.78 -6.99
CA ASN A 65 -4.41 3.14 -6.82
C ASN A 65 -3.35 4.05 -6.22
N LEU A 66 -2.80 3.64 -5.09
CA LEU A 66 -1.77 4.42 -4.41
C LEU A 66 -0.54 4.60 -5.30
N ASN A 67 -0.35 3.68 -6.22
CA ASN A 67 0.79 3.73 -7.14
C ASN A 67 0.92 5.12 -7.76
N GLU A 68 -0.22 5.74 -8.04
CA GLU A 68 -0.23 7.07 -8.64
C GLU A 68 -0.68 8.12 -7.63
N SER A 69 -0.90 7.68 -6.39
CA SER A 69 -1.34 8.57 -5.33
C SER A 69 -0.30 8.65 -4.22
N VAL A 70 0.95 8.33 -4.56
CA VAL A 70 2.04 8.37 -3.60
C VAL A 70 2.44 9.81 -3.28
N GLN A 71 1.50 10.58 -2.75
CA GLN A 71 1.74 11.96 -2.39
C GLN A 71 2.32 12.08 -0.97
N PRO A 72 1.50 11.68 0.02
CA PRO A 72 1.90 11.72 1.43
C PRO A 72 2.97 10.69 1.76
N THR A 73 3.24 10.51 3.05
CA THR A 73 4.25 9.56 3.50
C THR A 73 3.59 8.29 4.05
N VAL A 74 3.48 7.27 3.21
CA VAL A 74 2.88 6.00 3.62
C VAL A 74 3.96 4.96 3.93
N VAL A 75 4.59 5.10 5.08
CA VAL A 75 5.64 4.16 5.49
C VAL A 75 5.11 2.74 5.56
N ALA A 76 5.36 1.97 4.50
CA ALA A 76 4.91 0.59 4.44
C ALA A 76 5.97 -0.36 4.98
N LEU A 77 5.87 -0.68 6.26
CA LEU A 77 6.82 -1.58 6.91
C LEU A 77 6.80 -2.95 6.25
N GLY A 78 7.93 -3.65 6.32
CA GLY A 78 8.02 -4.96 5.73
C GLY A 78 8.96 -5.00 4.54
N GLY A 79 8.53 -5.65 3.46
CA GLY A 79 9.35 -5.75 2.27
C GLY A 79 8.93 -6.89 1.36
N SER A 80 7.73 -6.80 0.82
CA SER A 80 7.21 -7.83 -0.07
C SER A 80 8.11 -8.01 -1.29
N GLY A 81 8.02 -7.06 -2.21
CA GLY A 81 8.83 -7.12 -3.42
C GLY A 81 8.19 -6.40 -4.59
N SER A 82 8.76 -6.57 -5.77
CA SER A 82 8.23 -5.93 -6.98
C SER A 82 8.73 -6.65 -8.23
N GLY A 83 7.80 -7.11 -9.05
CA GLY A 83 8.15 -7.81 -10.27
C GLY A 83 7.39 -7.29 -11.48
N SER A 84 8.04 -6.45 -12.27
CA SER A 84 7.43 -5.87 -13.45
C SER A 84 8.40 -4.95 -14.18
N THR A 85 8.60 -5.22 -15.46
CA THR A 85 9.50 -4.41 -16.28
C THR A 85 8.75 -3.32 -17.03
N SER A 86 8.02 -3.72 -18.06
CA SER A 86 7.25 -2.77 -18.86
C SER A 86 6.47 -3.49 -19.96
N LEU A 87 5.66 -2.74 -20.69
CA LEU A 87 4.85 -3.31 -21.77
C LEU A 87 4.11 -2.21 -22.53
N ARG A 88 4.46 -2.02 -23.79
CA ARG A 88 3.82 -1.01 -24.62
C ARG A 88 4.06 -1.28 -26.11
N GLU A 89 3.58 -0.38 -26.96
CA GLU A 89 3.75 -0.53 -28.39
C GLU A 89 3.35 0.75 -29.12
N LYS A 90 3.26 0.67 -30.44
CA LYS A 90 2.90 1.82 -31.26
C LYS A 90 2.55 1.40 -32.68
N ILE A 91 2.00 2.33 -33.45
CA ILE A 91 1.62 2.05 -34.84
C ILE A 91 2.64 2.63 -35.81
N LYS A 92 3.39 1.74 -36.46
CA LYS A 92 4.40 2.16 -37.43
C LYS A 92 3.75 2.59 -38.74
N GLN A 93 2.75 1.84 -39.17
CA GLN A 93 2.05 2.14 -40.41
C GLN A 93 1.50 3.56 -40.40
N ALA A 94 1.24 4.07 -39.20
CA ALA A 94 0.73 5.43 -39.05
C ALA A 94 1.57 6.44 -39.81
N VAL A 95 2.86 6.14 -39.95
CA VAL A 95 3.78 7.02 -40.65
C VAL A 95 3.31 7.27 -42.08
N GLY A 96 2.61 6.29 -42.65
CA GLY A 96 2.11 6.42 -44.00
C GLY A 96 1.32 7.69 -44.22
N VAL A 97 0.62 8.13 -43.17
CA VAL A 97 -0.17 9.35 -43.24
C VAL A 97 0.70 10.57 -43.51
N ASP A 98 1.94 10.51 -43.04
CA ASP A 98 2.88 11.61 -43.22
C ASP A 98 3.31 11.73 -44.68
N LEU A 99 3.13 10.63 -45.42
CA LEU A 99 3.51 10.61 -46.83
C LEU A 99 2.57 11.48 -47.66
N TRP A 100 1.27 11.28 -47.50
CA TRP A 100 0.27 12.05 -48.23
C TRP A 100 0.21 13.48 -47.70
N LYS A 101 0.54 13.65 -46.43
CA LYS A 101 0.52 14.98 -45.82
C LYS A 101 1.48 15.93 -46.51
#